data_1JMJ
#
_entry.id   1JMJ
#
_cell.length_a   74.730
_cell.length_b   80.000
_cell.length_c   92.240
_cell.angle_alpha   90.00
_cell.angle_beta   102.04
_cell.angle_gamma   90.00
#
_symmetry.space_group_name_H-M   'P 1 21 1'
#
loop_
_entity.id
_entity.type
_entity.pdbx_description
1 polymer 'HEPARIN COFACTOR II'
2 branched beta-D-mannopyranose-(1-4)-2-acetamido-2-deoxy-beta-D-glucopyranose-(1-4)-2-acetamido-2-deoxy-beta-D-glucopyranose
3 non-polymer 'CALCIUM ION'
4 non-polymer 2-acetamido-2-deoxy-beta-D-glucopyranose
5 water water
#
_entity_poly.entity_id   1
_entity_poly.type   'polypeptide(L)'
_entity_poly.pdbx_seq_one_letter_code
;GSKGPLDQLEKGGETAQSADPQWEQLNNKNLSMPLLPADFHKENTVTNDWIPEGEEDDDYLDLEKIFSEDDDYIDIVDSL
SVSPTDSDVSAGNILQLFHGKSRIQRLNILNAKFAFNLYRVLKDQVNTFDNIFIAPVGISTAMGMISLGLKGETHEQVHS
ILHFKDFVNASSKYEITTIHNLFRKLTHRLFRRNFGYTLRSVNDLYIQKQFPILLDFKTKVREYYFAEAQIADFSDPAFI
SKTNNHIMKLTKGLIKDALENIDPATQMMILNCIYFKGSWVNKFPVEMTHNHNFRLNEREVVKVSMMQTKGNFLAANDQE
LDCDILQLEYVGGISMLIVVPHKMSGMKTLEAQLTPRVVERWQKSMTNRTREVLLPKFKLEKNYNLVESLKLMGIRMLFD
KNGNMAGISDQRIAIDLFKHQGTITVNEEGTQATTVTTVGFMPLSTQVRFTVDRPFLFLIYEHRTSCLLFMGRVANPSRS
;
_entity_poly.pdbx_strand_id   A,B
#
loop_
_chem_comp.id
_chem_comp.type
_chem_comp.name
_chem_comp.formula
BMA D-saccharide, beta linking beta-D-mannopyranose 'C6 H12 O6'
CA non-polymer 'CALCIUM ION' 'Ca 2'
NAG D-saccharide, beta linking 2-acetamido-2-deoxy-beta-D-glucopyranose 'C8 H15 N O6'
#
# COMPACT_ATOMS: atom_id res chain seq x y z
N LEU A 61 14.52 24.46 -18.51
CA LEU A 61 14.42 23.18 -17.78
C LEU A 61 15.71 22.76 -17.08
N ASP A 62 16.41 23.73 -16.51
CA ASP A 62 17.64 23.46 -15.77
C ASP A 62 17.15 23.01 -14.41
N LEU A 63 15.83 23.08 -14.24
CA LEU A 63 15.17 22.71 -13.00
C LEU A 63 15.20 21.21 -12.75
N GLU A 64 15.13 20.41 -13.82
CA GLU A 64 15.15 18.96 -13.67
C GLU A 64 16.48 18.49 -13.07
N LYS A 65 17.52 19.27 -13.32
CA LYS A 65 18.85 18.99 -12.81
C LYS A 65 18.93 19.41 -11.35
N ILE A 66 18.26 20.52 -11.04
CA ILE A 66 18.24 21.06 -9.67
C ILE A 66 17.29 20.27 -8.78
N PHE A 67 16.12 19.93 -9.31
CA PHE A 67 15.15 19.16 -8.54
C PHE A 67 15.77 17.79 -8.24
N SER A 68 16.55 17.28 -9.19
CA SER A 68 17.21 15.98 -9.05
C SER A 68 18.16 16.01 -7.85
N GLU A 69 18.33 14.86 -7.22
CA GLU A 69 19.19 14.74 -6.05
C GLU A 69 20.54 14.11 -6.39
N ASP A 70 21.06 14.38 -7.58
CA ASP A 70 22.34 13.82 -8.00
C ASP A 70 23.52 14.78 -7.85
N ASP A 71 24.66 14.23 -7.45
CA ASP A 71 25.89 15.00 -7.24
C ASP A 71 25.84 15.83 -5.96
N LEU A 95 -6.72 -24.50 5.98
CA LEU A 95 -5.72 -23.90 6.87
C LEU A 95 -5.64 -22.39 6.69
N GLN A 96 -6.26 -21.89 5.64
CA GLN A 96 -6.27 -20.46 5.27
C GLN A 96 -5.40 -20.36 4.03
N LEU A 97 -4.12 -20.70 4.17
CA LEU A 97 -3.17 -20.68 3.07
C LEU A 97 -3.44 -21.83 2.11
N PHE A 98 -3.47 -23.04 2.64
CA PHE A 98 -3.69 -24.25 1.85
C PHE A 98 -4.95 -24.24 0.99
N HIS A 99 -5.92 -23.43 1.37
CA HIS A 99 -7.17 -23.35 0.61
C HIS A 99 -6.91 -23.11 -0.88
N GLY A 100 -7.25 -24.10 -1.71
CA GLY A 100 -7.09 -23.98 -3.14
C GLY A 100 -5.69 -24.19 -3.71
N LYS A 101 -4.72 -24.49 -2.85
CA LYS A 101 -3.35 -24.70 -3.32
C LYS A 101 -3.17 -26.13 -3.79
N SER A 102 -2.41 -26.33 -4.85
CA SER A 102 -2.17 -27.68 -5.35
C SER A 102 -1.33 -28.38 -4.31
N ARG A 103 -1.22 -29.70 -4.43
CA ARG A 103 -0.45 -30.48 -3.48
C ARG A 103 1.00 -30.02 -3.43
N ILE A 104 1.56 -29.67 -4.57
CA ILE A 104 2.94 -29.20 -4.62
C ILE A 104 3.07 -27.85 -3.89
N GLN A 105 2.14 -26.94 -4.16
CA GLN A 105 2.15 -25.62 -3.55
C GLN A 105 2.11 -25.69 -2.03
N ARG A 106 1.39 -26.67 -1.51
CA ARG A 106 1.28 -26.84 -0.07
C ARG A 106 2.63 -27.22 0.49
N LEU A 107 3.24 -28.23 -0.12
CA LEU A 107 4.56 -28.66 0.30
C LEU A 107 5.50 -27.46 0.31
N ASN A 108 5.42 -26.65 -0.75
CA ASN A 108 6.26 -25.47 -0.87
C ASN A 108 5.94 -24.39 0.16
N ILE A 109 4.73 -24.40 0.70
CA ILE A 109 4.38 -23.43 1.72
C ILE A 109 5.11 -23.83 2.99
N LEU A 110 5.21 -25.14 3.21
CA LEU A 110 5.90 -25.66 4.38
C LEU A 110 7.40 -25.48 4.24
N ASN A 111 7.91 -25.71 3.04
CA ASN A 111 9.33 -25.55 2.78
C ASN A 111 9.71 -24.11 3.02
N ALA A 112 8.82 -23.19 2.63
CA ALA A 112 9.04 -21.76 2.80
C ALA A 112 9.06 -21.41 4.30
N LYS A 113 8.17 -22.02 5.06
CA LYS A 113 8.10 -21.78 6.49
C LYS A 113 9.42 -22.17 7.15
N PHE A 114 9.94 -23.33 6.74
CA PHE A 114 11.20 -23.83 7.26
C PHE A 114 12.33 -22.86 6.91
N ALA A 115 12.32 -22.43 5.65
CA ALA A 115 13.33 -21.53 5.14
C ALA A 115 13.45 -20.27 6.00
N PHE A 116 12.33 -19.65 6.31
CA PHE A 116 12.36 -18.45 7.12
C PHE A 116 12.85 -18.75 8.55
N ASN A 117 12.54 -19.95 9.05
CA ASN A 117 13.00 -20.31 10.38
C ASN A 117 14.51 -20.50 10.31
N LEU A 118 14.95 -21.13 9.23
CA LEU A 118 16.37 -21.36 8.99
C LEU A 118 17.07 -19.99 8.88
N TYR A 119 16.48 -19.09 8.10
CA TYR A 119 17.06 -17.76 7.94
C TYR A 119 17.21 -17.11 9.32
N ARG A 120 16.15 -17.17 10.11
CA ARG A 120 16.12 -16.59 11.45
C ARG A 120 17.35 -17.02 12.26
N VAL A 121 17.72 -18.29 12.12
CA VAL A 121 18.87 -18.84 12.83
C VAL A 121 20.18 -18.45 12.14
N LEU A 122 20.20 -18.52 10.81
CA LEU A 122 21.41 -18.18 10.08
C LEU A 122 21.84 -16.73 10.32
N LYS A 123 20.89 -15.81 10.26
CA LYS A 123 21.18 -14.39 10.46
C LYS A 123 21.94 -14.10 11.76
N ASP A 124 21.72 -14.91 12.80
CA ASP A 124 22.42 -14.70 14.07
C ASP A 124 23.85 -15.22 14.05
N GLN A 125 24.27 -15.83 12.95
CA GLN A 125 25.62 -16.33 12.89
C GLN A 125 26.48 -15.45 12.02
N VAL A 126 25.92 -14.32 11.58
CA VAL A 126 26.66 -13.39 10.74
C VAL A 126 26.51 -11.98 11.27
N ASN A 127 27.42 -11.11 10.85
CA ASN A 127 27.37 -9.72 11.29
C ASN A 127 26.09 -9.08 10.79
N THR A 128 25.59 -8.10 11.53
CA THR A 128 24.36 -7.44 11.13
C THR A 128 24.57 -6.64 9.85
N PHE A 129 25.82 -6.31 9.56
CA PHE A 129 26.15 -5.55 8.36
C PHE A 129 26.54 -6.40 7.14
N ASP A 130 26.52 -7.72 7.30
CA ASP A 130 26.85 -8.59 6.19
C ASP A 130 25.63 -8.98 5.38
N ASN A 131 25.83 -9.27 4.10
CA ASN A 131 24.74 -9.69 3.26
C ASN A 131 24.56 -11.19 3.50
N ILE A 132 23.42 -11.71 3.09
CA ILE A 132 23.12 -13.13 3.26
C ILE A 132 22.51 -13.66 1.98
N PHE A 133 22.79 -14.92 1.65
CA PHE A 133 22.25 -15.51 0.44
C PHE A 133 22.17 -17.02 0.50
N ILE A 134 20.96 -17.56 0.37
CA ILE A 134 20.77 -19.01 0.41
C ILE A 134 19.71 -19.43 -0.60
N ALA A 135 19.72 -20.72 -0.95
CA ALA A 135 18.76 -21.28 -1.89
C ALA A 135 17.95 -22.32 -1.13
N PRO A 136 16.84 -21.88 -0.51
CA PRO A 136 15.93 -22.73 0.27
C PRO A 136 15.49 -24.06 -0.34
N VAL A 137 14.96 -24.05 -1.56
CA VAL A 137 14.54 -25.31 -2.18
C VAL A 137 15.68 -26.29 -2.20
N GLY A 138 16.91 -25.78 -2.24
CA GLY A 138 18.08 -26.65 -2.24
C GLY A 138 18.28 -27.30 -0.88
N ILE A 139 18.08 -26.54 0.18
CA ILE A 139 18.27 -27.08 1.51
C ILE A 139 17.18 -28.10 1.84
N SER A 140 15.94 -27.76 1.56
CA SER A 140 14.80 -28.66 1.83
C SER A 140 14.91 -29.96 1.05
N THR A 141 15.37 -29.87 -0.18
CA THR A 141 15.51 -31.05 -1.02
C THR A 141 16.66 -31.93 -0.54
N ALA A 142 17.70 -31.30 -0.03
CA ALA A 142 18.85 -32.03 0.50
C ALA A 142 18.44 -32.82 1.74
N MET A 143 17.59 -32.22 2.56
CA MET A 143 17.13 -32.88 3.78
C MET A 143 16.13 -33.98 3.48
N GLY A 144 15.25 -33.75 2.51
CA GLY A 144 14.28 -34.77 2.15
C GLY A 144 15.04 -35.98 1.65
N MET A 145 16.04 -35.75 0.81
CA MET A 145 16.84 -36.83 0.25
C MET A 145 17.59 -37.61 1.32
N ILE A 146 18.39 -36.91 2.11
CA ILE A 146 19.17 -37.54 3.16
C ILE A 146 18.30 -38.39 4.09
N SER A 147 17.07 -37.94 4.35
CA SER A 147 16.18 -38.67 5.25
C SER A 147 15.74 -40.05 4.73
N LEU A 148 15.91 -40.29 3.43
CA LEU A 148 15.53 -41.59 2.87
C LEU A 148 16.34 -42.68 3.56
N GLY A 149 17.50 -42.31 4.10
CA GLY A 149 18.34 -43.28 4.77
C GLY A 149 18.39 -43.16 6.28
N LEU A 150 17.53 -42.31 6.84
CA LEU A 150 17.50 -42.10 8.29
C LEU A 150 16.39 -42.92 8.94
N LYS A 151 16.48 -43.09 10.26
CA LYS A 151 15.46 -43.86 10.98
C LYS A 151 15.30 -43.43 12.43
N GLY A 152 14.14 -43.73 13.01
CA GLY A 152 13.86 -43.36 14.39
C GLY A 152 13.84 -41.86 14.66
N GLU A 153 14.25 -41.47 15.86
CA GLU A 153 14.28 -40.06 16.25
C GLU A 153 15.13 -39.25 15.29
N THR A 154 16.25 -39.81 14.85
CA THR A 154 17.13 -39.12 13.93
C THR A 154 16.31 -38.61 12.75
N HIS A 155 15.57 -39.53 12.14
CA HIS A 155 14.73 -39.18 11.00
C HIS A 155 13.65 -38.16 11.40
N GLU A 156 13.00 -38.40 12.53
CA GLU A 156 11.94 -37.52 12.99
C GLU A 156 12.37 -36.09 13.30
N GLN A 157 13.57 -35.89 13.82
CA GLN A 157 13.99 -34.51 14.10
C GLN A 157 14.00 -33.75 12.77
N VAL A 158 14.51 -34.42 11.74
CA VAL A 158 14.59 -33.86 10.40
C VAL A 158 13.22 -33.56 9.80
N HIS A 159 12.26 -34.47 9.97
CA HIS A 159 10.94 -34.26 9.39
C HIS A 159 10.05 -33.26 10.13
N SER A 160 10.22 -33.15 11.44
CA SER A 160 9.42 -32.19 12.19
C SER A 160 9.93 -30.77 11.94
N ILE A 161 11.25 -30.60 12.02
CA ILE A 161 11.84 -29.29 11.80
C ILE A 161 11.78 -28.80 10.35
N LEU A 162 11.86 -29.69 9.38
CA LEU A 162 11.76 -29.29 7.97
C LEU A 162 10.27 -29.05 7.68
N HIS A 163 9.44 -29.40 8.65
CA HIS A 163 8.00 -29.26 8.55
C HIS A 163 7.35 -30.26 7.60
N PHE A 164 8.07 -31.33 7.26
CA PHE A 164 7.49 -32.35 6.38
C PHE A 164 6.34 -33.03 7.13
N LYS A 165 6.42 -33.01 8.46
CA LYS A 165 5.39 -33.58 9.32
C LYS A 165 4.08 -32.85 9.05
N ASP A 166 4.06 -31.56 9.37
CA ASP A 166 2.90 -30.70 9.16
C ASP A 166 2.17 -31.05 7.88
N PHE A 167 2.93 -31.43 6.85
CA PHE A 167 2.33 -31.78 5.57
C PHE A 167 1.61 -33.12 5.62
N VAL A 168 2.34 -34.17 5.96
CA VAL A 168 1.75 -35.51 6.02
C VAL A 168 0.57 -35.49 6.98
N ASN A 169 0.56 -34.50 7.86
CA ASN A 169 -0.52 -34.34 8.85
C ASN A 169 -1.72 -33.56 8.31
N ALA A 170 -1.47 -32.65 7.38
CA ALA A 170 -2.54 -31.83 6.81
C ALA A 170 -3.74 -32.66 6.37
N SER A 171 -3.52 -33.93 6.07
CA SER A 171 -4.59 -34.84 5.66
C SER A 171 -4.12 -36.29 5.65
N SER A 172 -5.07 -37.22 5.78
CA SER A 172 -4.78 -38.65 5.80
C SER A 172 -4.51 -39.24 4.42
N LYS A 173 -4.65 -38.41 3.39
CA LYS A 173 -4.42 -38.85 2.01
C LYS A 173 -2.95 -38.69 1.63
N TYR A 174 -2.12 -38.34 2.60
CA TYR A 174 -0.68 -38.15 2.39
C TYR A 174 0.12 -39.14 3.25
N GLU A 175 1.43 -39.03 3.18
CA GLU A 175 2.34 -39.88 3.94
C GLU A 175 3.78 -39.56 3.57
N ILE A 176 4.73 -40.11 4.33
CA ILE A 176 6.15 -39.86 4.08
C ILE A 176 6.54 -40.07 2.61
N THR A 177 6.01 -41.14 2.01
CA THR A 177 6.32 -41.42 0.62
C THR A 177 5.77 -40.31 -0.28
N THR A 178 4.69 -39.67 0.18
CA THR A 178 4.09 -38.57 -0.58
C THR A 178 5.10 -37.44 -0.69
N ILE A 179 5.79 -37.14 0.42
CA ILE A 179 6.79 -36.09 0.44
C ILE A 179 7.82 -36.35 -0.66
N HIS A 180 8.32 -37.58 -0.73
CA HIS A 180 9.32 -37.94 -1.73
C HIS A 180 8.81 -37.90 -3.18
N ASN A 181 7.57 -38.32 -3.39
CA ASN A 181 7.01 -38.29 -4.74
C ASN A 181 6.80 -36.83 -5.15
N LEU A 182 6.33 -36.02 -4.21
CA LEU A 182 6.13 -34.61 -4.50
C LEU A 182 7.48 -33.97 -4.82
N PHE A 183 8.50 -34.31 -4.04
CA PHE A 183 9.82 -33.75 -4.29
C PHE A 183 10.36 -34.21 -5.63
N ARG A 184 10.01 -35.43 -6.03
CA ARG A 184 10.46 -35.96 -7.32
C ARG A 184 9.86 -35.15 -8.45
N LYS A 185 8.57 -34.86 -8.34
CA LYS A 185 7.87 -34.09 -9.37
C LYS A 185 8.42 -32.67 -9.43
N LEU A 186 8.62 -32.06 -8.27
CA LEU A 186 9.15 -30.71 -8.19
C LEU A 186 10.51 -30.62 -8.85
N THR A 187 11.38 -31.56 -8.49
CA THR A 187 12.74 -31.62 -9.04
C THR A 187 12.76 -31.76 -10.56
N HIS A 188 11.91 -32.63 -11.09
CA HIS A 188 11.88 -32.81 -12.54
C HIS A 188 11.30 -31.55 -13.18
N ARG A 189 10.27 -31.00 -12.57
CA ARG A 189 9.63 -29.80 -13.05
C ARG A 189 10.56 -28.57 -13.04
N LEU A 190 11.30 -28.39 -11.95
CA LEU A 190 12.21 -27.24 -11.81
C LEU A 190 13.52 -27.35 -12.57
N PHE A 191 14.17 -28.51 -12.47
CA PHE A 191 15.47 -28.71 -13.07
C PHE A 191 15.58 -29.37 -14.44
N ARG A 192 14.45 -29.44 -15.16
CA ARG A 192 14.45 -29.98 -16.51
C ARG A 192 14.46 -28.74 -17.39
N ARG A 193 14.99 -28.86 -18.60
CA ARG A 193 15.05 -27.70 -19.49
C ARG A 193 13.74 -26.92 -19.42
N ASN A 194 13.86 -25.60 -19.25
CA ASN A 194 12.69 -24.74 -19.15
C ASN A 194 12.83 -23.57 -20.11
N PHE A 195 11.71 -22.93 -20.42
CA PHE A 195 11.73 -21.78 -21.32
C PHE A 195 12.06 -20.49 -20.56
N GLY A 196 12.97 -19.72 -21.13
CA GLY A 196 13.32 -18.43 -20.54
C GLY A 196 14.41 -18.35 -19.51
N TYR A 197 14.74 -19.46 -18.87
CA TYR A 197 15.80 -19.42 -17.86
C TYR A 197 16.46 -20.77 -17.66
N THR A 198 17.55 -20.77 -16.90
CA THR A 198 18.26 -22.00 -16.59
C THR A 198 18.26 -22.21 -15.10
N LEU A 199 17.69 -23.33 -14.67
CA LEU A 199 17.64 -23.69 -13.26
C LEU A 199 18.33 -25.04 -13.10
N ARG A 200 19.45 -25.07 -12.38
CA ARG A 200 20.16 -26.32 -12.20
C ARG A 200 20.42 -26.58 -10.73
N SER A 201 20.37 -27.84 -10.34
CA SER A 201 20.56 -28.22 -8.95
C SER A 201 21.72 -29.18 -8.69
N VAL A 202 22.46 -28.90 -7.63
CA VAL A 202 23.56 -29.76 -7.21
C VAL A 202 23.13 -30.21 -5.83
N ASN A 203 22.75 -31.48 -5.73
CA ASN A 203 22.27 -32.02 -4.47
C ASN A 203 22.91 -33.40 -4.26
N ASP A 204 24.19 -33.42 -3.90
CA ASP A 204 24.86 -34.70 -3.72
C ASP A 204 25.39 -35.02 -2.32
N LEU A 205 25.54 -36.31 -2.07
CA LEU A 205 26.07 -36.80 -0.82
C LEU A 205 27.39 -37.51 -1.13
N TYR A 206 28.46 -37.11 -0.44
CA TYR A 206 29.78 -37.70 -0.62
C TYR A 206 30.16 -38.47 0.63
N ILE A 207 30.51 -39.74 0.46
CA ILE A 207 30.87 -40.59 1.57
C ILE A 207 32.23 -41.26 1.37
N GLN A 208 33.11 -41.16 2.36
CA GLN A 208 34.43 -41.79 2.26
C GLN A 208 34.29 -43.24 1.81
N LYS A 209 35.13 -43.66 0.86
CA LYS A 209 35.09 -45.01 0.32
C LYS A 209 35.22 -46.14 1.34
N GLN A 210 35.69 -45.82 2.54
CA GLN A 210 35.84 -46.83 3.58
C GLN A 210 34.47 -47.33 4.04
N PHE A 211 33.47 -46.44 3.98
CA PHE A 211 32.12 -46.78 4.38
C PHE A 211 31.28 -47.07 3.15
N PRO A 212 30.79 -48.31 3.00
CA PRO A 212 29.98 -48.67 1.85
C PRO A 212 28.62 -47.96 1.87
N ILE A 213 28.01 -47.82 0.70
CA ILE A 213 26.71 -47.15 0.60
C ILE A 213 25.66 -48.18 0.19
N LEU A 214 24.68 -48.42 1.05
CA LEU A 214 23.63 -49.38 0.73
C LEU A 214 22.99 -49.05 -0.61
N LEU A 215 22.88 -50.06 -1.47
CA LEU A 215 22.30 -49.88 -2.80
C LEU A 215 20.87 -49.34 -2.79
N ASP A 216 20.08 -49.78 -1.81
CA ASP A 216 18.70 -49.34 -1.70
C ASP A 216 18.63 -47.83 -1.58
N PHE A 217 19.51 -47.26 -0.75
CA PHE A 217 19.58 -45.83 -0.54
C PHE A 217 20.08 -45.11 -1.80
N LYS A 218 21.09 -45.71 -2.42
CA LYS A 218 21.71 -45.18 -3.61
C LYS A 218 20.73 -45.04 -4.77
N THR A 219 19.82 -45.99 -4.92
CA THR A 219 18.84 -45.93 -6.00
C THR A 219 17.65 -45.02 -5.70
N LYS A 220 17.20 -45.00 -4.46
CA LYS A 220 16.07 -44.14 -4.09
C LYS A 220 16.43 -42.66 -4.17
N VAL A 221 17.69 -42.35 -3.86
CA VAL A 221 18.16 -40.97 -3.92
C VAL A 221 18.09 -40.53 -5.38
N ARG A 222 18.61 -41.39 -6.25
CA ARG A 222 18.63 -41.16 -7.68
C ARG A 222 17.22 -41.18 -8.26
N GLU A 223 16.35 -41.97 -7.61
CA GLU A 223 14.96 -42.12 -8.04
C GLU A 223 14.06 -40.93 -7.72
N TYR A 224 14.04 -40.49 -6.47
CA TYR A 224 13.18 -39.37 -6.08
C TYR A 224 13.82 -37.98 -6.16
N TYR A 225 15.14 -37.93 -6.19
CA TYR A 225 15.82 -36.63 -6.25
C TYR A 225 16.73 -36.49 -7.47
N PHE A 226 16.85 -37.56 -8.25
CA PHE A 226 17.69 -37.54 -9.42
C PHE A 226 19.11 -37.18 -9.02
N ALA A 227 19.39 -37.28 -7.73
CA ALA A 227 20.71 -36.99 -7.20
C ALA A 227 21.58 -38.25 -7.19
N GLU A 228 22.74 -38.15 -6.56
CA GLU A 228 23.64 -39.29 -6.48
C GLU A 228 24.40 -39.34 -5.16
N ALA A 229 24.41 -40.52 -4.55
CA ALA A 229 25.15 -40.74 -3.32
C ALA A 229 26.43 -41.34 -3.86
N GLN A 230 27.48 -40.54 -3.90
CA GLN A 230 28.76 -40.97 -4.45
C GLN A 230 29.79 -41.38 -3.43
N ILE A 231 30.65 -42.30 -3.84
CA ILE A 231 31.73 -42.77 -3.00
C ILE A 231 32.78 -41.69 -3.18
N ALA A 232 33.48 -41.34 -2.11
CA ALA A 232 34.48 -40.28 -2.21
C ALA A 232 35.80 -40.56 -1.49
N ASP A 233 36.75 -39.65 -1.68
CA ASP A 233 38.06 -39.74 -1.06
C ASP A 233 38.57 -38.32 -0.87
N PHE A 234 38.19 -37.69 0.23
CA PHE A 234 38.59 -36.33 0.51
C PHE A 234 40.08 -36.10 0.68
N SER A 235 40.87 -37.16 0.64
CA SER A 235 42.32 -37.02 0.76
C SER A 235 43.00 -37.12 -0.61
N ASP A 236 42.22 -37.47 -1.63
CA ASP A 236 42.76 -37.59 -2.98
C ASP A 236 42.42 -36.36 -3.83
N PRO A 237 43.43 -35.53 -4.13
CA PRO A 237 43.25 -34.32 -4.93
C PRO A 237 42.59 -34.58 -6.27
N ALA A 238 42.57 -35.84 -6.68
CA ALA A 238 41.93 -36.22 -7.93
C ALA A 238 40.41 -36.10 -7.73
N PHE A 239 39.94 -36.48 -6.54
CA PHE A 239 38.52 -36.41 -6.23
C PHE A 239 38.13 -34.95 -6.02
N ILE A 240 38.92 -34.22 -5.26
CA ILE A 240 38.61 -32.81 -5.05
C ILE A 240 38.48 -32.11 -6.39
N SER A 241 39.49 -32.32 -7.24
CA SER A 241 39.56 -31.71 -8.58
C SER A 241 38.39 -32.07 -9.49
N LYS A 242 38.07 -33.36 -9.56
CA LYS A 242 36.99 -33.84 -10.40
C LYS A 242 35.67 -33.19 -10.03
N THR A 243 35.39 -33.16 -8.73
CA THR A 243 34.15 -32.59 -8.26
C THR A 243 34.07 -31.11 -8.58
N ASN A 244 35.13 -30.36 -8.26
CA ASN A 244 35.12 -28.93 -8.54
C ASN A 244 34.81 -28.68 -10.01
N ASN A 245 35.47 -29.42 -10.91
CA ASN A 245 35.23 -29.23 -12.33
C ASN A 245 33.81 -29.57 -12.72
N HIS A 246 33.24 -30.60 -12.11
CA HIS A 246 31.87 -30.99 -12.40
C HIS A 246 30.97 -29.81 -12.05
N ILE A 247 31.09 -29.33 -10.81
CA ILE A 247 30.28 -28.20 -10.37
C ILE A 247 30.52 -26.94 -11.22
N MET A 248 31.78 -26.73 -11.62
CA MET A 248 32.10 -25.55 -12.41
C MET A 248 31.43 -25.61 -13.77
N LYS A 249 31.31 -26.81 -14.32
CA LYS A 249 30.65 -26.96 -15.61
C LYS A 249 29.17 -26.77 -15.38
N LEU A 250 28.64 -27.54 -14.45
CA LEU A 250 27.23 -27.49 -14.11
C LEU A 250 26.74 -26.07 -13.83
N THR A 251 27.56 -25.26 -13.17
CA THR A 251 27.15 -23.88 -12.86
C THR A 251 27.69 -22.88 -13.88
N LYS A 252 27.97 -23.35 -15.08
CA LYS A 252 28.50 -22.52 -16.16
C LYS A 252 29.66 -21.66 -15.71
N GLY A 253 30.60 -22.27 -15.01
CA GLY A 253 31.77 -21.57 -14.54
C GLY A 253 31.58 -20.66 -13.35
N LEU A 254 30.38 -20.58 -12.82
CA LEU A 254 30.13 -19.70 -11.67
C LEU A 254 30.81 -20.16 -10.37
N ILE A 255 30.59 -21.41 -9.98
CA ILE A 255 31.20 -21.96 -8.77
C ILE A 255 32.42 -22.81 -9.14
N LYS A 256 33.62 -22.32 -8.81
CA LYS A 256 34.86 -23.00 -9.15
C LYS A 256 35.58 -23.71 -8.02
N ASP A 257 35.16 -23.48 -6.77
CA ASP A 257 35.84 -24.09 -5.63
C ASP A 257 34.95 -24.88 -4.69
N ALA A 258 33.98 -25.60 -5.24
CA ALA A 258 33.06 -26.40 -4.43
C ALA A 258 33.71 -27.15 -3.27
N LEU A 259 34.68 -28.01 -3.55
CA LEU A 259 35.32 -28.78 -2.49
C LEU A 259 36.72 -28.37 -2.08
N GLU A 260 37.03 -27.09 -2.19
CA GLU A 260 38.34 -26.57 -1.78
C GLU A 260 38.34 -26.32 -0.28
N ASN A 261 39.52 -26.28 0.32
CA ASN A 261 39.63 -26.02 1.76
C ASN A 261 38.70 -26.88 2.62
N ILE A 262 38.62 -28.17 2.32
CA ILE A 262 37.77 -29.07 3.07
C ILE A 262 38.64 -30.09 3.80
N ASP A 263 38.44 -30.20 5.11
CA ASP A 263 39.21 -31.16 5.90
C ASP A 263 39.23 -32.54 5.24
N PRO A 264 40.44 -33.05 4.92
CA PRO A 264 40.62 -34.34 4.28
C PRO A 264 40.16 -35.53 5.12
N ALA A 265 39.88 -35.27 6.40
CA ALA A 265 39.43 -36.31 7.30
C ALA A 265 37.90 -36.44 7.29
N THR A 266 37.25 -35.72 6.39
CA THR A 266 35.80 -35.75 6.27
C THR A 266 35.34 -37.16 5.90
N GLN A 267 34.22 -37.60 6.47
CA GLN A 267 33.67 -38.94 6.19
C GLN A 267 32.42 -38.86 5.33
N MET A 268 31.56 -37.90 5.64
CA MET A 268 30.33 -37.72 4.90
C MET A 268 29.96 -36.25 4.86
N MET A 269 29.71 -35.74 3.67
CA MET A 269 29.33 -34.35 3.54
C MET A 269 28.26 -34.18 2.48
N ILE A 270 27.54 -33.08 2.60
CA ILE A 270 26.49 -32.76 1.67
C ILE A 270 26.91 -31.47 0.99
N LEU A 271 26.79 -31.46 -0.33
CA LEU A 271 27.13 -30.29 -1.11
C LEU A 271 25.81 -29.88 -1.74
N ASN A 272 25.39 -28.65 -1.43
CA ASN A 272 24.14 -28.13 -1.94
C ASN A 272 24.39 -26.83 -2.69
N CYS A 273 23.85 -26.74 -3.89
CA CYS A 273 24.04 -25.56 -4.72
C CYS A 273 23.00 -25.47 -5.84
N ILE A 274 22.31 -24.33 -5.93
CA ILE A 274 21.33 -24.12 -6.97
C ILE A 274 21.84 -23.05 -7.90
N TYR A 275 21.88 -23.34 -9.20
CA TYR A 275 22.34 -22.38 -10.19
C TYR A 275 21.16 -21.77 -10.94
N PHE A 276 21.12 -20.44 -10.98
CA PHE A 276 20.04 -19.74 -11.66
C PHE A 276 20.52 -18.70 -12.65
N LYS A 277 19.98 -18.75 -13.87
CA LYS A 277 20.32 -17.76 -14.89
C LYS A 277 19.02 -17.33 -15.54
N GLY A 278 18.73 -16.04 -15.47
CA GLY A 278 17.51 -15.55 -16.07
C GLY A 278 17.62 -14.10 -16.46
N SER A 279 16.65 -13.62 -17.21
CA SER A 279 16.67 -12.24 -17.63
C SER A 279 15.38 -11.55 -17.21
N TRP A 280 15.49 -10.25 -16.97
CA TRP A 280 14.37 -9.42 -16.55
C TRP A 280 13.30 -9.28 -17.61
N VAL A 281 12.05 -9.21 -17.18
CA VAL A 281 10.96 -8.98 -18.11
C VAL A 281 11.12 -7.50 -18.44
N ASN A 282 11.36 -6.70 -17.40
CA ASN A 282 11.59 -5.26 -17.56
C ASN A 282 13.07 -5.03 -17.31
N LYS A 283 13.86 -4.93 -18.37
CA LYS A 283 15.29 -4.73 -18.21
C LYS A 283 15.63 -3.29 -17.88
N PHE A 284 16.88 -3.06 -17.44
CA PHE A 284 17.34 -1.72 -17.09
C PHE A 284 18.27 -1.23 -18.19
N PRO A 285 17.96 -0.07 -18.81
CA PRO A 285 18.83 0.46 -19.86
C PRO A 285 20.18 0.81 -19.25
N VAL A 286 21.22 0.15 -19.74
CA VAL A 286 22.58 0.30 -19.22
C VAL A 286 23.19 1.69 -19.07
N GLU A 287 22.75 2.67 -19.85
CA GLU A 287 23.35 4.00 -19.72
C GLU A 287 22.82 4.75 -18.51
N MET A 288 21.71 4.30 -17.95
CA MET A 288 21.10 4.96 -16.80
C MET A 288 21.67 4.53 -15.45
N THR A 289 22.54 3.54 -15.45
CA THR A 289 23.14 3.08 -14.21
C THR A 289 24.10 4.16 -13.73
N HIS A 290 24.11 4.45 -12.43
CA HIS A 290 24.95 5.52 -11.91
C HIS A 290 25.09 5.45 -10.39
N ASN A 291 25.97 6.30 -9.87
CA ASN A 291 26.22 6.36 -8.45
C ASN A 291 25.06 7.08 -7.76
N HIS A 292 24.50 6.42 -6.75
CA HIS A 292 23.38 6.97 -6.01
C HIS A 292 23.61 6.56 -4.56
N ASN A 293 23.21 7.42 -3.62
CA ASN A 293 23.40 7.12 -2.20
C ASN A 293 22.55 5.96 -1.71
N PHE A 294 23.18 5.11 -0.91
CA PHE A 294 22.51 3.96 -0.32
C PHE A 294 22.73 4.02 1.18
N ARG A 295 21.65 4.08 1.95
CA ARG A 295 21.76 4.15 3.40
C ARG A 295 22.12 2.80 4.02
N LEU A 296 23.20 2.78 4.80
CA LEU A 296 23.65 1.57 5.46
C LEU A 296 23.03 1.45 6.85
N ASN A 297 22.99 2.56 7.58
CA ASN A 297 22.40 2.57 8.91
C ASN A 297 21.86 3.96 9.22
N GLU A 298 21.38 4.15 10.45
CA GLU A 298 20.81 5.43 10.83
C GLU A 298 21.72 6.63 10.53
N ARG A 299 23.02 6.47 10.70
CA ARG A 299 23.90 7.60 10.44
C ARG A 299 25.14 7.34 9.57
N GLU A 300 24.93 6.94 8.32
CA GLU A 300 26.01 6.73 7.37
C GLU A 300 25.51 6.14 6.05
N VAL A 301 25.88 6.80 4.96
CA VAL A 301 25.47 6.43 3.61
C VAL A 301 26.67 6.18 2.69
N VAL A 302 26.48 5.38 1.65
CA VAL A 302 27.55 5.11 0.70
C VAL A 302 27.04 5.12 -0.74
N LYS A 303 27.95 5.30 -1.68
CA LYS A 303 27.59 5.33 -3.08
C LYS A 303 27.57 3.92 -3.62
N VAL A 304 26.61 3.65 -4.50
CA VAL A 304 26.48 2.35 -5.11
C VAL A 304 26.04 2.52 -6.56
N SER A 305 26.31 1.52 -7.38
CA SER A 305 25.88 1.57 -8.77
C SER A 305 24.39 1.30 -8.75
N MET A 306 23.61 2.32 -9.10
CA MET A 306 22.17 2.22 -9.09
C MET A 306 21.60 2.08 -10.49
N MET A 307 20.85 1.00 -10.71
CA MET A 307 20.21 0.77 -12.01
C MET A 307 18.89 1.54 -12.02
N GLN A 308 18.43 1.93 -13.21
CA GLN A 308 17.19 2.70 -13.32
C GLN A 308 16.43 2.32 -14.59
N THR A 309 15.16 1.97 -14.43
CA THR A 309 14.34 1.58 -15.56
C THR A 309 12.90 2.01 -15.37
N LYS A 310 12.08 1.76 -16.38
CA LYS A 310 10.65 2.08 -16.32
C LYS A 310 9.90 0.86 -16.85
N GLY A 311 8.69 0.61 -16.32
CA GLY A 311 7.91 -0.52 -16.76
C GLY A 311 6.72 -0.83 -15.87
N ASN A 312 6.04 -1.93 -16.14
CA ASN A 312 4.90 -2.33 -15.32
C ASN A 312 5.39 -3.31 -14.29
N PHE A 313 5.13 -3.00 -13.02
CA PHE A 313 5.54 -3.84 -11.92
C PHE A 313 4.42 -3.92 -10.92
N LEU A 314 4.27 -5.07 -10.27
CA LEU A 314 3.29 -5.20 -9.21
C LEU A 314 4.05 -4.79 -7.95
N ALA A 315 3.38 -4.10 -7.04
CA ALA A 315 4.01 -3.68 -5.79
C ALA A 315 2.98 -3.66 -4.66
N ALA A 316 3.46 -3.57 -3.42
CA ALA A 316 2.58 -3.53 -2.27
C ALA A 316 3.30 -2.96 -1.05
N ASN A 317 2.52 -2.45 -0.11
CA ASN A 317 3.08 -1.91 1.12
C ASN A 317 2.46 -2.65 2.30
N ASP A 318 3.27 -2.83 3.34
CA ASP A 318 2.83 -3.52 4.53
C ASP A 318 2.85 -2.49 5.66
N GLN A 319 1.66 -2.08 6.11
CA GLN A 319 1.53 -1.10 7.17
C GLN A 319 2.01 -1.69 8.51
N GLU A 320 1.64 -2.93 8.77
CA GLU A 320 2.03 -3.59 10.01
C GLU A 320 3.55 -3.71 10.18
N LEU A 321 4.24 -4.12 9.12
CA LEU A 321 5.69 -4.26 9.16
C LEU A 321 6.40 -3.02 8.61
N ASP A 322 5.60 -2.05 8.16
CA ASP A 322 6.13 -0.83 7.58
C ASP A 322 7.26 -1.10 6.60
N CYS A 323 6.92 -1.67 5.46
CA CYS A 323 7.92 -1.97 4.45
C CYS A 323 7.24 -2.01 3.10
N ASP A 324 8.03 -1.87 2.05
CA ASP A 324 7.51 -1.90 0.69
C ASP A 324 7.96 -3.18 0.02
N ILE A 325 7.14 -3.69 -0.89
CA ILE A 325 7.46 -4.91 -1.60
C ILE A 325 7.28 -4.71 -3.09
N LEU A 326 8.37 -4.81 -3.84
CA LEU A 326 8.32 -4.64 -5.28
C LEU A 326 8.57 -5.98 -5.95
N GLN A 327 7.80 -6.29 -6.98
CA GLN A 327 7.99 -7.55 -7.68
C GLN A 327 8.65 -7.39 -9.04
N LEU A 328 9.83 -7.99 -9.20
CA LEU A 328 10.60 -7.95 -10.44
C LEU A 328 10.46 -9.30 -11.16
N GLU A 329 9.83 -9.28 -12.33
CA GLU A 329 9.61 -10.49 -13.11
C GLU A 329 10.75 -10.91 -14.02
N TYR A 330 11.04 -12.20 -14.05
CA TYR A 330 12.04 -12.74 -14.97
C TYR A 330 11.20 -13.43 -16.05
N VAL A 331 11.77 -13.57 -17.23
CA VAL A 331 11.08 -14.25 -18.30
C VAL A 331 10.94 -15.74 -17.91
N GLY A 332 9.72 -16.27 -17.99
CA GLY A 332 9.55 -17.67 -17.68
C GLY A 332 8.71 -18.07 -16.46
N GLY A 333 8.20 -17.10 -15.73
CA GLY A 333 7.39 -17.43 -14.58
C GLY A 333 8.16 -17.51 -13.28
N ILE A 334 9.15 -16.64 -13.14
CA ILE A 334 9.94 -16.58 -11.93
C ILE A 334 10.12 -15.11 -11.59
N SER A 335 9.92 -14.75 -10.33
CA SER A 335 10.07 -13.36 -9.92
C SER A 335 10.86 -13.16 -8.63
N MET A 336 11.36 -11.95 -8.47
CA MET A 336 12.10 -11.59 -7.29
C MET A 336 11.31 -10.53 -6.55
N LEU A 337 11.09 -10.79 -5.27
CA LEU A 337 10.38 -9.85 -4.40
C LEU A 337 11.46 -9.09 -3.67
N ILE A 338 11.38 -7.76 -3.76
CA ILE A 338 12.31 -6.86 -3.10
C ILE A 338 11.50 -6.31 -1.93
N VAL A 339 11.92 -6.65 -0.72
CA VAL A 339 11.23 -6.22 0.49
C VAL A 339 12.09 -5.16 1.18
N VAL A 340 11.59 -3.94 1.20
CA VAL A 340 12.32 -2.80 1.76
C VAL A 340 11.67 -2.19 2.98
N PRO A 341 12.25 -2.41 4.17
CA PRO A 341 11.66 -1.82 5.37
C PRO A 341 12.01 -0.33 5.41
N HIS A 342 11.04 0.50 5.72
CA HIS A 342 11.25 1.93 5.77
C HIS A 342 12.31 2.35 6.79
N LYS A 343 12.25 1.80 8.00
CA LYS A 343 13.22 2.17 9.02
C LYS A 343 14.37 1.18 9.21
N MET A 344 15.50 1.69 9.69
CA MET A 344 16.68 0.86 9.92
C MET A 344 16.37 -0.23 10.96
N SER A 345 15.53 0.10 11.93
CA SER A 345 15.14 -0.84 12.96
C SER A 345 14.04 -1.76 12.46
N GLY A 346 13.61 -1.53 11.21
CA GLY A 346 12.56 -2.34 10.63
C GLY A 346 13.00 -3.70 10.13
N MET A 347 14.26 -3.80 9.72
CA MET A 347 14.82 -5.06 9.21
C MET A 347 14.65 -6.17 10.24
N LYS A 348 15.12 -5.91 11.45
CA LYS A 348 15.05 -6.88 12.54
C LYS A 348 13.62 -7.39 12.74
N THR A 349 12.66 -6.49 12.69
CA THR A 349 11.26 -6.84 12.86
C THR A 349 10.77 -7.72 11.71
N LEU A 350 11.08 -7.31 10.49
CA LEU A 350 10.68 -8.03 9.28
C LEU A 350 11.28 -9.43 9.29
N GLU A 351 12.58 -9.52 9.61
CA GLU A 351 13.24 -10.81 9.65
C GLU A 351 12.58 -11.71 10.69
N ALA A 352 12.27 -11.15 11.84
CA ALA A 352 11.64 -11.92 12.91
C ALA A 352 10.21 -12.32 12.59
N GLN A 353 9.54 -11.52 11.77
CA GLN A 353 8.14 -11.74 11.42
C GLN A 353 7.85 -12.48 10.12
N LEU A 354 8.82 -12.54 9.22
CA LEU A 354 8.60 -13.19 7.93
C LEU A 354 8.17 -14.65 7.98
N THR A 355 7.00 -14.93 7.42
CA THR A 355 6.46 -16.28 7.35
C THR A 355 5.67 -16.39 6.04
N PRO A 356 5.29 -17.61 5.64
CA PRO A 356 4.53 -17.80 4.40
C PRO A 356 3.26 -16.95 4.34
N ARG A 357 2.58 -16.81 5.47
CA ARG A 357 1.37 -16.01 5.52
C ARG A 357 1.63 -14.57 5.14
N VAL A 358 2.70 -14.00 5.71
CA VAL A 358 3.03 -12.61 5.43
C VAL A 358 3.23 -12.41 3.94
N VAL A 359 3.95 -13.34 3.31
CA VAL A 359 4.20 -13.27 1.88
C VAL A 359 2.86 -13.29 1.15
N GLU A 360 1.99 -14.23 1.53
CA GLU A 360 0.68 -14.37 0.92
C GLU A 360 -0.09 -13.05 1.03
N ARG A 361 -0.01 -12.41 2.19
CA ARG A 361 -0.67 -11.14 2.44
C ARG A 361 -0.16 -10.11 1.42
N TRP A 362 1.14 -10.06 1.20
CA TRP A 362 1.71 -9.11 0.24
C TRP A 362 1.20 -9.40 -1.17
N GLN A 363 1.21 -10.68 -1.53
CA GLN A 363 0.74 -11.11 -2.85
C GLN A 363 -0.68 -10.68 -3.15
N LYS A 364 -1.58 -10.85 -2.19
CA LYS A 364 -2.97 -10.48 -2.40
C LYS A 364 -3.27 -8.99 -2.39
N SER A 365 -2.36 -8.17 -1.87
CA SER A 365 -2.59 -6.73 -1.84
C SER A 365 -1.79 -6.01 -2.91
N MET A 366 -1.17 -6.79 -3.78
CA MET A 366 -0.36 -6.24 -4.86
C MET A 366 -1.19 -5.52 -5.91
N THR A 367 -0.62 -4.48 -6.50
CA THR A 367 -1.31 -3.76 -7.56
C THR A 367 -0.33 -3.47 -8.71
N ASN A 368 -0.88 -3.38 -9.91
CA ASN A 368 -0.12 -3.13 -11.13
C ASN A 368 -0.06 -1.63 -11.39
N ARG A 369 1.14 -1.13 -11.67
CA ARG A 369 1.32 0.30 -11.88
C ARG A 369 2.52 0.52 -12.81
N THR A 370 2.54 1.63 -13.55
CA THR A 370 3.71 1.92 -14.38
C THR A 370 4.69 2.61 -13.42
N ARG A 371 5.82 1.95 -13.18
CA ARG A 371 6.77 2.46 -12.22
C ARG A 371 8.19 2.67 -12.71
N GLU A 372 8.79 3.76 -12.23
CA GLU A 372 10.17 4.05 -12.53
C GLU A 372 10.81 3.31 -11.35
N VAL A 373 11.77 2.43 -11.64
CA VAL A 373 12.39 1.65 -10.57
C VAL A 373 13.90 1.76 -10.53
N LEU A 374 14.42 2.11 -9.36
CA LEU A 374 15.85 2.20 -9.17
C LEU A 374 16.27 1.09 -8.22
N LEU A 375 17.18 0.25 -8.70
CA LEU A 375 17.66 -0.86 -7.92
C LEU A 375 19.18 -0.96 -7.99
N PRO A 376 19.85 -1.13 -6.85
CA PRO A 376 21.30 -1.23 -6.88
C PRO A 376 21.70 -2.58 -7.45
N LYS A 377 22.76 -2.60 -8.26
CA LYS A 377 23.20 -3.87 -8.79
C LYS A 377 24.08 -4.46 -7.69
N PHE A 378 24.18 -5.78 -7.66
CA PHE A 378 24.98 -6.42 -6.63
C PHE A 378 25.41 -7.81 -7.01
N LYS A 379 26.32 -8.35 -6.23
CA LYS A 379 26.81 -9.69 -6.47
C LYS A 379 27.11 -10.30 -5.13
N LEU A 380 26.44 -11.40 -4.81
CA LEU A 380 26.64 -12.06 -3.54
C LEU A 380 27.32 -13.40 -3.75
N GLU A 381 28.37 -13.65 -2.99
CA GLU A 381 29.11 -14.90 -3.08
C GLU A 381 29.17 -15.45 -1.67
N LYS A 382 28.27 -16.38 -1.37
CA LYS A 382 28.20 -16.97 -0.04
C LYS A 382 28.51 -18.45 -0.02
N ASN A 383 29.06 -18.89 1.10
CA ASN A 383 29.43 -20.27 1.27
C ASN A 383 29.33 -20.60 2.75
N TYR A 384 28.31 -21.38 3.10
CA TYR A 384 28.08 -21.76 4.50
C TYR A 384 28.12 -23.24 4.79
N ASN A 385 28.23 -23.54 6.08
CA ASN A 385 28.17 -24.88 6.59
C ASN A 385 26.90 -24.73 7.42
N LEU A 386 25.87 -25.49 7.07
CA LEU A 386 24.60 -25.39 7.76
C LEU A 386 24.41 -26.28 8.97
N VAL A 387 25.40 -27.13 9.24
CA VAL A 387 25.31 -28.05 10.37
C VAL A 387 24.96 -27.36 11.68
N GLU A 388 25.65 -26.27 11.98
CA GLU A 388 25.36 -25.57 13.22
C GLU A 388 23.96 -24.94 13.22
N SER A 389 23.53 -24.40 12.08
CA SER A 389 22.21 -23.81 11.99
C SER A 389 21.16 -24.90 12.22
N LEU A 390 21.31 -26.02 11.52
CA LEU A 390 20.38 -27.13 11.68
C LEU A 390 20.42 -27.67 13.10
N LYS A 391 21.57 -27.54 13.77
CA LYS A 391 21.71 -27.97 15.15
C LYS A 391 20.90 -27.03 16.06
N LEU A 392 21.06 -25.73 15.83
CA LEU A 392 20.34 -24.73 16.62
C LEU A 392 18.84 -24.95 16.51
N MET A 393 18.36 -25.28 15.31
CA MET A 393 16.92 -25.50 15.09
C MET A 393 16.40 -26.77 15.74
N GLY A 394 17.28 -27.71 16.05
CA GLY A 394 16.82 -28.93 16.70
C GLY A 394 17.23 -30.25 16.10
N ILE A 395 17.87 -30.23 14.95
CA ILE A 395 18.33 -31.46 14.30
C ILE A 395 19.73 -31.74 14.84
N ARG A 396 19.84 -32.72 15.73
CA ARG A 396 21.15 -33.03 16.33
C ARG A 396 21.65 -34.45 16.09
N MET A 397 20.76 -35.43 16.20
CA MET A 397 21.14 -36.83 16.00
C MET A 397 21.78 -37.10 14.65
N LEU A 398 21.32 -36.42 13.62
CA LEU A 398 21.86 -36.60 12.28
C LEU A 398 23.34 -36.21 12.22
N PHE A 399 23.78 -35.39 13.17
CA PHE A 399 25.17 -34.94 13.20
C PHE A 399 26.00 -35.61 14.28
N ASP A 400 25.49 -36.73 14.78
CA ASP A 400 26.16 -37.49 15.81
C ASP A 400 26.31 -38.93 15.31
N LYS A 401 27.52 -39.48 15.38
CA LYS A 401 27.74 -40.86 14.95
C LYS A 401 26.78 -41.83 15.65
N ASN A 402 26.18 -41.35 16.75
CA ASN A 402 25.23 -42.15 17.50
C ASN A 402 23.82 -42.00 16.94
N GLY A 403 23.70 -41.19 15.89
CA GLY A 403 22.41 -41.02 15.24
C GLY A 403 22.13 -42.29 14.47
N ASN A 404 20.96 -42.37 13.84
CA ASN A 404 20.60 -43.58 13.09
C ASN A 404 20.53 -43.38 11.58
N MET A 405 21.52 -43.89 10.86
CA MET A 405 21.56 -43.80 9.41
C MET A 405 21.71 -45.19 8.81
N ALA A 406 21.04 -46.16 9.43
CA ALA A 406 21.08 -47.55 8.99
C ALA A 406 20.60 -47.68 7.56
N GLY A 407 19.94 -46.62 7.06
CA GLY A 407 19.44 -46.64 5.70
C GLY A 407 20.51 -46.22 4.70
N ILE A 408 21.58 -45.62 5.21
CA ILE A 408 22.66 -45.17 4.35
C ILE A 408 23.84 -46.12 4.36
N SER A 409 24.21 -46.59 5.54
CA SER A 409 25.34 -47.48 5.68
C SER A 409 25.17 -48.36 6.92
N ASP A 410 25.78 -49.53 6.91
CA ASP A 410 25.67 -50.40 8.07
C ASP A 410 26.74 -49.97 9.06
N GLN A 411 27.55 -49.01 8.66
CA GLN A 411 28.62 -48.50 9.52
C GLN A 411 28.31 -47.13 10.13
N ARG A 412 28.88 -46.90 11.31
CA ARG A 412 28.69 -45.65 12.06
C ARG A 412 29.34 -44.42 11.43
N ILE A 413 28.51 -43.52 10.90
CA ILE A 413 29.00 -42.28 10.29
C ILE A 413 27.99 -41.18 10.55
N ALA A 414 28.33 -39.96 10.14
CA ALA A 414 27.44 -38.83 10.33
C ALA A 414 27.97 -37.64 9.52
N ILE A 415 27.08 -36.71 9.20
CA ILE A 415 27.45 -35.54 8.43
C ILE A 415 28.41 -34.65 9.23
N ASP A 416 29.54 -34.35 8.61
CA ASP A 416 30.54 -33.51 9.23
C ASP A 416 30.35 -32.11 8.69
N LEU A 417 29.93 -32.05 7.43
CA LEU A 417 29.74 -30.80 6.73
C LEU A 417 28.54 -30.80 5.78
N PHE A 418 27.72 -29.76 5.90
CA PHE A 418 26.56 -29.58 5.02
C PHE A 418 26.93 -28.30 4.30
N LYS A 419 27.66 -28.43 3.20
CA LYS A 419 28.11 -27.28 2.45
C LYS A 419 27.04 -26.73 1.51
N HIS A 420 26.69 -25.46 1.72
CA HIS A 420 25.70 -24.76 0.91
C HIS A 420 26.40 -23.55 0.29
N GLN A 421 26.62 -23.60 -1.01
CA GLN A 421 27.31 -22.53 -1.70
C GLN A 421 26.51 -21.98 -2.88
N GLY A 422 26.66 -20.69 -3.15
CA GLY A 422 25.92 -20.11 -4.24
C GLY A 422 26.24 -18.66 -4.49
N THR A 423 26.07 -18.25 -5.74
CA THR A 423 26.31 -16.89 -6.14
C THR A 423 25.14 -16.34 -6.91
N ILE A 424 24.90 -15.05 -6.75
CA ILE A 424 23.84 -14.40 -7.47
C ILE A 424 24.35 -13.04 -7.89
N THR A 425 24.26 -12.77 -9.19
CA THR A 425 24.70 -11.50 -9.73
C THR A 425 23.49 -10.82 -10.35
N VAL A 426 23.18 -9.63 -9.86
CA VAL A 426 22.06 -8.88 -10.39
C VAL A 426 22.58 -7.66 -11.16
N ASN A 427 22.24 -7.58 -12.44
CA ASN A 427 22.65 -6.45 -13.26
C ASN A 427 21.48 -5.98 -14.12
N GLU A 428 21.79 -5.22 -15.17
CA GLU A 428 20.77 -4.66 -16.04
C GLU A 428 20.01 -5.65 -16.91
N GLU A 429 20.61 -6.79 -17.20
CA GLU A 429 20.00 -7.82 -18.06
C GLU A 429 19.14 -8.81 -17.27
N GLY A 430 19.61 -9.18 -16.08
CA GLY A 430 18.88 -10.12 -15.24
C GLY A 430 19.78 -10.69 -14.16
N THR A 431 19.87 -12.02 -14.11
CA THR A 431 20.71 -12.69 -13.12
C THR A 431 21.61 -13.71 -13.81
N GLN A 432 22.92 -13.59 -13.57
CA GLN A 432 23.91 -14.46 -14.19
C GLN A 432 23.80 -14.25 -15.71
N ALA A 433 23.44 -13.03 -16.08
CA ALA A 433 23.26 -12.64 -17.48
C ALA A 433 24.59 -12.48 -18.19
N THR A 434 24.60 -12.81 -19.48
CA THR A 434 25.82 -12.69 -20.27
C THR A 434 25.57 -11.85 -21.52
N THR A 435 24.34 -11.41 -21.70
CA THR A 435 24.00 -10.60 -22.85
C THR A 435 23.64 -9.19 -22.44
N VAL A 436 23.68 -8.27 -23.40
CA VAL A 436 23.35 -6.88 -23.16
C VAL A 436 22.24 -6.50 -24.13
N THR A 437 21.26 -5.75 -23.64
CA THR A 437 20.15 -5.28 -24.45
C THR A 437 20.24 -3.77 -24.55
N THR A 438 20.52 -3.27 -25.76
CA THR A 438 20.64 -1.83 -25.95
C THR A 438 19.45 -1.19 -26.68
N VAL A 439 18.59 -1.99 -27.28
CA VAL A 439 17.44 -1.45 -27.98
C VAL A 439 16.57 -0.64 -27.01
N GLY A 440 15.66 0.18 -27.54
CA GLY A 440 14.79 0.99 -26.71
C GLY A 440 13.55 0.20 -26.34
N PHE A 441 13.06 0.34 -25.11
CA PHE A 441 11.93 -0.45 -24.71
C PHE A 441 11.10 0.06 -23.54
N MET A 442 11.51 1.18 -22.94
CA MET A 442 10.77 1.73 -21.81
C MET A 442 9.53 2.50 -22.21
N PRO A 443 8.53 2.53 -21.33
CA PRO A 443 7.31 3.28 -21.65
C PRO A 443 7.72 4.75 -21.61
N LEU A 444 6.93 5.62 -22.22
CA LEU A 444 7.30 7.04 -22.22
C LEU A 444 7.13 7.74 -20.88
N SER A 445 6.07 7.40 -20.14
CA SER A 445 5.85 8.01 -18.83
C SER A 445 5.51 6.97 -17.78
N THR A 446 5.69 7.33 -16.51
CA THR A 446 5.38 6.43 -15.39
C THR A 446 4.68 7.23 -14.29
N GLN A 447 3.62 6.65 -13.72
CA GLN A 447 2.84 7.31 -12.68
C GLN A 447 3.53 7.35 -11.32
N VAL A 448 4.44 6.40 -11.08
CA VAL A 448 5.13 6.37 -9.80
C VAL A 448 6.59 5.98 -9.93
N ARG A 449 7.31 6.06 -8.82
CA ARG A 449 8.72 5.72 -8.79
C ARG A 449 9.06 5.14 -7.43
N PHE A 450 9.95 4.14 -7.42
CA PHE A 450 10.39 3.56 -6.17
C PHE A 450 11.89 3.36 -6.21
N THR A 451 12.57 3.99 -5.26
CA THR A 451 14.01 3.89 -5.17
C THR A 451 14.41 2.99 -4.01
N VAL A 452 15.14 1.92 -4.33
CA VAL A 452 15.64 1.00 -3.34
C VAL A 452 16.94 1.60 -2.84
N ASP A 453 16.84 2.42 -1.80
CA ASP A 453 17.99 3.13 -1.25
C ASP A 453 18.36 2.76 0.18
N ARG A 454 17.92 1.58 0.64
CA ARG A 454 18.24 1.15 1.99
C ARG A 454 18.22 -0.37 2.05
N PRO A 455 18.76 -0.95 3.14
CA PRO A 455 18.79 -2.42 3.26
C PRO A 455 17.48 -3.07 2.85
N PHE A 456 17.55 -4.23 2.19
CA PHE A 456 16.36 -4.94 1.74
C PHE A 456 16.57 -6.44 1.68
N LEU A 457 15.47 -7.19 1.74
CA LEU A 457 15.54 -8.64 1.62
C LEU A 457 14.97 -8.95 0.25
N PHE A 458 15.39 -10.05 -0.36
CA PHE A 458 14.80 -10.42 -1.65
C PHE A 458 14.45 -11.90 -1.62
N LEU A 459 13.33 -12.23 -2.25
CA LEU A 459 12.83 -13.60 -2.33
C LEU A 459 12.58 -13.92 -3.80
N ILE A 460 13.09 -15.06 -4.25
CA ILE A 460 12.91 -15.49 -5.63
C ILE A 460 11.99 -16.71 -5.65
N TYR A 461 10.82 -16.55 -6.29
CA TYR A 461 9.82 -17.60 -6.36
C TYR A 461 9.56 -18.11 -7.78
N GLU A 462 9.03 -19.32 -7.87
CA GLU A 462 8.65 -19.95 -9.13
C GLU A 462 7.13 -19.94 -8.98
N HIS A 463 6.45 -19.09 -9.76
CA HIS A 463 4.99 -18.93 -9.67
C HIS A 463 4.13 -20.18 -9.67
N ARG A 464 4.17 -20.94 -10.75
CA ARG A 464 3.34 -22.15 -10.83
C ARG A 464 3.38 -23.02 -9.58
N THR A 465 4.56 -23.23 -9.04
CA THR A 465 4.67 -24.07 -7.85
C THR A 465 4.78 -23.33 -6.52
N SER A 466 4.83 -22.00 -6.57
CA SER A 466 4.97 -21.20 -5.35
C SER A 466 6.22 -21.64 -4.58
N CYS A 467 7.22 -22.09 -5.32
CA CYS A 467 8.46 -22.56 -4.72
C CYS A 467 9.47 -21.44 -4.46
N LEU A 468 9.94 -21.38 -3.22
CA LEU A 468 10.94 -20.40 -2.83
C LEU A 468 12.32 -20.94 -3.19
N LEU A 469 12.83 -20.45 -4.31
CA LEU A 469 14.14 -20.83 -4.83
C LEU A 469 15.30 -20.22 -4.04
N PHE A 470 15.27 -18.89 -3.92
CA PHE A 470 16.33 -18.15 -3.25
C PHE A 470 15.81 -17.12 -2.26
N MET A 471 16.67 -16.76 -1.34
CA MET A 471 16.36 -15.77 -0.32
C MET A 471 17.67 -15.10 0.08
N GLY A 472 17.65 -13.80 0.27
CA GLY A 472 18.85 -13.10 0.66
C GLY A 472 18.60 -11.75 1.28
N ARG A 473 19.63 -11.23 1.92
CA ARG A 473 19.58 -9.91 2.54
C ARG A 473 20.69 -9.08 1.94
N VAL A 474 20.35 -7.89 1.45
CA VAL A 474 21.40 -7.02 0.93
C VAL A 474 21.51 -5.84 1.87
N ALA A 475 22.45 -5.92 2.79
CA ALA A 475 22.68 -4.86 3.78
C ALA A 475 23.59 -3.79 3.18
N ASN A 476 24.45 -4.22 2.27
CA ASN A 476 25.41 -3.33 1.62
C ASN A 476 25.71 -3.83 0.22
N PRO A 477 25.07 -3.25 -0.81
CA PRO A 477 25.29 -3.67 -2.20
C PRO A 477 26.71 -3.57 -2.75
N SER A 478 27.62 -2.97 -2.00
CA SER A 478 28.99 -2.87 -2.49
C SER A 478 29.86 -3.98 -1.91
N ARG A 479 29.25 -4.82 -1.07
CA ARG A 479 29.97 -5.94 -0.46
C ARG A 479 29.39 -7.22 -1.08
N SER A 480 30.13 -8.31 -1.01
CA SER A 480 29.65 -9.56 -1.58
C SER A 480 28.91 -10.41 -0.55
N ILE B 94 -21.34 -3.76 11.81
CA ILE B 94 -22.16 -2.52 11.80
C ILE B 94 -21.35 -1.28 12.20
N LEU B 95 -21.38 -0.93 13.48
CA LEU B 95 -20.64 0.24 13.93
C LEU B 95 -19.48 -0.10 14.85
N GLN B 96 -18.53 -0.87 14.30
CA GLN B 96 -17.34 -1.27 15.03
C GLN B 96 -16.36 -0.10 14.88
N LEU B 97 -16.72 0.82 13.98
CA LEU B 97 -15.93 2.01 13.71
C LEU B 97 -15.86 2.85 14.96
N PHE B 98 -17.01 2.95 15.65
CA PHE B 98 -17.14 3.71 16.89
C PHE B 98 -16.14 3.33 17.95
N HIS B 99 -15.75 2.07 17.97
CA HIS B 99 -14.80 1.61 18.96
C HIS B 99 -13.56 2.51 18.94
N GLY B 100 -13.32 3.20 20.06
CA GLY B 100 -12.17 4.07 20.15
C GLY B 100 -12.47 5.50 19.78
N LYS B 101 -13.49 5.72 18.96
CA LYS B 101 -13.84 7.08 18.55
C LYS B 101 -14.51 7.86 19.66
N SER B 102 -14.35 9.18 19.63
CA SER B 102 -14.96 10.06 20.61
C SER B 102 -16.41 10.21 20.18
N ARG B 103 -17.20 10.90 20.98
CA ARG B 103 -18.59 11.09 20.65
C ARG B 103 -18.77 11.98 19.43
N ILE B 104 -17.97 13.03 19.31
CA ILE B 104 -18.07 13.92 18.16
C ILE B 104 -17.67 13.18 16.88
N GLN B 105 -16.64 12.33 16.99
CA GLN B 105 -16.17 11.56 15.85
C GLN B 105 -17.23 10.60 15.33
N ARG B 106 -17.94 9.94 16.25
CA ARG B 106 -18.99 9.00 15.87
C ARG B 106 -20.07 9.73 15.09
N LEU B 107 -20.40 10.95 15.49
CA LEU B 107 -21.42 11.71 14.78
C LEU B 107 -20.88 12.08 13.40
N ASN B 108 -19.62 12.49 13.36
CA ASN B 108 -19.01 12.86 12.10
C ASN B 108 -18.83 11.68 11.16
N ILE B 109 -18.91 10.47 11.71
CA ILE B 109 -18.79 9.28 10.87
C ILE B 109 -20.13 9.11 10.15
N LEU B 110 -21.22 9.30 10.89
CA LEU B 110 -22.54 9.19 10.26
C LEU B 110 -22.72 10.37 9.32
N ASN B 111 -22.13 11.51 9.69
CA ASN B 111 -22.23 12.70 8.86
C ASN B 111 -21.59 12.43 7.50
N ALA B 112 -20.43 11.76 7.52
CA ALA B 112 -19.69 11.40 6.32
C ALA B 112 -20.49 10.40 5.47
N LYS B 113 -21.17 9.49 6.15
CA LYS B 113 -22.00 8.49 5.48
C LYS B 113 -23.08 9.20 4.67
N PHE B 114 -23.69 10.21 5.26
CA PHE B 114 -24.72 10.98 4.57
C PHE B 114 -24.06 11.67 3.37
N ALA B 115 -22.88 12.24 3.61
CA ALA B 115 -22.14 12.95 2.58
C ALA B 115 -21.92 12.11 1.32
N PHE B 116 -21.44 10.88 1.47
CA PHE B 116 -21.21 10.02 0.31
C PHE B 116 -22.52 9.60 -0.39
N ASN B 117 -23.59 9.47 0.37
CA ASN B 117 -24.87 9.13 -0.24
C ASN B 117 -25.35 10.35 -1.03
N LEU B 118 -25.18 11.54 -0.45
CA LEU B 118 -25.59 12.77 -1.12
C LEU B 118 -24.74 12.95 -2.38
N TYR B 119 -23.45 12.59 -2.28
CA TYR B 119 -22.56 12.70 -3.42
C TYR B 119 -23.06 11.76 -4.51
N ARG B 120 -23.28 10.50 -4.14
CA ARG B 120 -23.77 9.49 -5.09
C ARG B 120 -24.97 10.04 -5.86
N VAL B 121 -25.90 10.69 -5.15
CA VAL B 121 -27.08 11.26 -5.77
C VAL B 121 -26.78 12.48 -6.63
N LEU B 122 -25.93 13.36 -6.12
CA LEU B 122 -25.59 14.58 -6.84
C LEU B 122 -24.80 14.32 -8.14
N LYS B 123 -23.89 13.35 -8.14
CA LYS B 123 -23.10 13.06 -9.33
C LYS B 123 -23.96 12.64 -10.54
N ASP B 124 -25.15 12.11 -10.30
CA ASP B 124 -26.02 11.69 -11.39
C ASP B 124 -26.82 12.88 -11.94
N GLN B 125 -26.67 14.03 -11.30
CA GLN B 125 -27.36 15.22 -11.75
C GLN B 125 -26.38 16.08 -12.52
N VAL B 126 -25.16 15.59 -12.69
CA VAL B 126 -24.13 16.33 -13.42
C VAL B 126 -23.47 15.42 -14.47
N ASN B 127 -22.65 16.02 -15.32
CA ASN B 127 -21.96 15.26 -16.37
C ASN B 127 -20.75 14.51 -15.85
N THR B 128 -20.51 13.34 -16.42
CA THR B 128 -19.38 12.51 -16.02
C THR B 128 -18.06 13.25 -16.13
N PHE B 129 -18.00 14.21 -17.05
CA PHE B 129 -16.78 14.98 -17.25
C PHE B 129 -16.70 16.28 -16.44
N ASP B 130 -17.73 16.56 -15.64
CA ASP B 130 -17.75 17.76 -14.81
C ASP B 130 -17.05 17.54 -13.47
N ASN B 131 -16.57 18.63 -12.88
CA ASN B 131 -15.93 18.57 -11.57
C ASN B 131 -17.05 18.75 -10.54
N ILE B 132 -16.81 18.27 -9.34
CA ILE B 132 -17.80 18.37 -8.27
C ILE B 132 -17.16 18.93 -7.00
N PHE B 133 -17.88 19.76 -6.28
CA PHE B 133 -17.37 20.32 -5.04
C PHE B 133 -18.49 20.68 -4.07
N ILE B 134 -18.42 20.13 -2.87
CA ILE B 134 -19.41 20.41 -1.84
C ILE B 134 -18.74 20.43 -0.46
N ALA B 135 -19.42 21.02 0.51
CA ALA B 135 -18.91 21.13 1.87
C ALA B 135 -19.89 20.38 2.77
N PRO B 136 -19.71 19.06 2.89
CA PRO B 136 -20.57 18.19 3.71
C PRO B 136 -20.95 18.69 5.08
N VAL B 137 -19.98 19.14 5.86
CA VAL B 137 -20.25 19.63 7.20
C VAL B 137 -21.31 20.73 7.17
N GLY B 138 -21.23 21.60 6.17
CA GLY B 138 -22.20 22.68 6.07
C GLY B 138 -23.61 22.19 5.80
N ILE B 139 -23.72 21.15 4.98
CA ILE B 139 -25.02 20.60 4.66
C ILE B 139 -25.64 19.95 5.89
N SER B 140 -24.87 19.09 6.56
CA SER B 140 -25.35 18.42 7.77
C SER B 140 -25.76 19.40 8.87
N THR B 141 -24.95 20.44 9.10
CA THR B 141 -25.28 21.40 10.15
C THR B 141 -26.50 22.22 9.78
N ALA B 142 -26.69 22.45 8.48
CA ALA B 142 -27.85 23.21 7.99
C ALA B 142 -29.13 22.39 8.21
N MET B 143 -29.02 21.08 7.99
CA MET B 143 -30.16 20.19 8.17
C MET B 143 -30.45 19.98 9.66
N GLY B 144 -29.41 19.98 10.50
CA GLY B 144 -29.61 19.80 11.93
C GLY B 144 -30.31 21.04 12.47
N MET B 145 -29.86 22.21 12.03
CA MET B 145 -30.45 23.45 12.46
C MET B 145 -31.93 23.50 12.07
N ILE B 146 -32.20 23.37 10.77
CA ILE B 146 -33.59 23.41 10.28
C ILE B 146 -34.50 22.47 11.08
N SER B 147 -33.99 21.29 11.43
CA SER B 147 -34.80 20.32 12.14
C SER B 147 -35.30 20.81 13.51
N LEU B 148 -34.62 21.79 14.09
CA LEU B 148 -35.05 22.33 15.38
C LEU B 148 -36.45 22.90 15.23
N GLY B 149 -36.89 23.11 13.99
CA GLY B 149 -38.21 23.66 13.76
C GLY B 149 -39.16 22.76 13.00
N LEU B 150 -38.88 21.46 13.00
CA LEU B 150 -39.73 20.51 12.29
C LEU B 150 -40.40 19.53 13.26
N LYS B 151 -41.47 18.89 12.79
CA LYS B 151 -42.20 17.94 13.62
C LYS B 151 -42.79 16.79 12.80
N GLY B 152 -43.17 15.73 13.49
CA GLY B 152 -43.77 14.58 12.83
C GLY B 152 -42.93 13.90 11.77
N GLU B 153 -43.59 13.38 10.74
CA GLU B 153 -42.91 12.69 9.64
C GLU B 153 -41.98 13.62 8.88
N THR B 154 -42.29 14.92 8.94
CA THR B 154 -41.50 15.94 8.28
C THR B 154 -40.11 15.93 8.92
N HIS B 155 -40.10 15.89 10.25
CA HIS B 155 -38.87 15.86 11.02
C HIS B 155 -38.18 14.50 10.84
N GLU B 156 -38.97 13.44 10.84
CA GLU B 156 -38.43 12.09 10.69
C GLU B 156 -37.64 11.88 9.41
N GLN B 157 -38.15 12.37 8.29
CA GLN B 157 -37.46 12.20 7.02
C GLN B 157 -36.04 12.75 7.12
N VAL B 158 -35.93 13.98 7.60
CA VAL B 158 -34.65 14.62 7.75
C VAL B 158 -33.69 13.86 8.67
N HIS B 159 -34.12 13.57 9.90
CA HIS B 159 -33.22 12.84 10.78
C HIS B 159 -32.90 11.46 10.25
N SER B 160 -33.74 10.96 9.36
CA SER B 160 -33.51 9.64 8.78
C SER B 160 -32.49 9.68 7.65
N ILE B 161 -32.77 10.47 6.62
CA ILE B 161 -31.86 10.57 5.49
C ILE B 161 -30.51 11.19 5.89
N LEU B 162 -30.50 11.99 6.95
CA LEU B 162 -29.25 12.61 7.41
C LEU B 162 -28.45 11.66 8.28
N HIS B 163 -29.03 10.48 8.52
CA HIS B 163 -28.40 9.46 9.35
C HIS B 163 -28.28 9.91 10.79
N PHE B 164 -29.13 10.85 11.20
CA PHE B 164 -29.12 11.30 12.59
C PHE B 164 -29.77 10.18 13.40
N LYS B 165 -30.68 9.46 12.75
CA LYS B 165 -31.38 8.34 13.37
C LYS B 165 -30.40 7.22 13.66
N ASP B 166 -29.51 6.95 12.71
CA ASP B 166 -28.52 5.90 12.90
C ASP B 166 -27.64 6.22 14.10
N PHE B 167 -27.43 7.52 14.35
CA PHE B 167 -26.59 7.93 15.46
C PHE B 167 -27.20 7.69 16.84
N VAL B 168 -28.44 8.11 17.06
CA VAL B 168 -29.05 7.91 18.38
C VAL B 168 -29.37 6.43 18.53
N ASN B 169 -29.79 5.83 17.42
CA ASN B 169 -30.15 4.43 17.38
C ASN B 169 -28.90 3.56 17.54
N ALA B 170 -27.73 4.19 17.65
CA ALA B 170 -26.47 3.45 17.79
C ALA B 170 -26.00 3.25 19.22
N SER B 171 -26.64 3.95 20.16
CA SER B 171 -26.29 3.83 21.56
C SER B 171 -27.40 4.40 22.41
N SER B 172 -27.85 3.62 23.40
CA SER B 172 -28.91 4.04 24.30
C SER B 172 -28.54 5.33 25.05
N LYS B 173 -27.26 5.66 25.03
CA LYS B 173 -26.76 6.88 25.69
C LYS B 173 -27.08 8.13 24.88
N TYR B 174 -27.35 7.94 23.59
CA TYR B 174 -27.63 9.05 22.69
C TYR B 174 -29.10 9.31 22.42
N GLU B 175 -29.45 10.59 22.35
CA GLU B 175 -30.81 11.00 22.06
C GLU B 175 -30.77 12.18 21.07
N ILE B 176 -31.93 12.61 20.61
CA ILE B 176 -31.99 13.71 19.67
C ILE B 176 -31.22 14.95 20.12
N THR B 177 -31.29 15.28 21.42
CA THR B 177 -30.60 16.47 21.91
C THR B 177 -29.09 16.26 21.94
N THR B 178 -28.65 15.01 21.80
CA THR B 178 -27.22 14.73 21.78
C THR B 178 -26.66 15.31 20.47
N ILE B 179 -27.44 15.15 19.38
CA ILE B 179 -27.04 15.64 18.07
C ILE B 179 -26.80 17.15 18.15
N HIS B 180 -27.76 17.87 18.72
CA HIS B 180 -27.65 19.31 18.85
C HIS B 180 -26.53 19.74 19.78
N ASN B 181 -26.36 19.05 20.90
CA ASN B 181 -25.28 19.41 21.82
C ASN B 181 -23.96 19.21 21.10
N LEU B 182 -23.86 18.11 20.37
CA LEU B 182 -22.65 17.83 19.63
C LEU B 182 -22.40 18.87 18.54
N PHE B 183 -23.45 19.28 17.83
CA PHE B 183 -23.27 20.27 16.77
C PHE B 183 -22.85 21.63 17.30
N ARG B 184 -23.27 21.99 18.50
CA ARG B 184 -22.88 23.27 19.09
C ARG B 184 -21.39 23.23 19.40
N LYS B 185 -20.92 22.11 19.95
CA LYS B 185 -19.51 21.97 20.28
C LYS B 185 -18.66 21.97 19.01
N LEU B 186 -19.12 21.25 17.99
CA LEU B 186 -18.41 21.17 16.71
C LEU B 186 -18.33 22.53 16.03
N THR B 187 -19.48 23.20 15.94
CA THR B 187 -19.56 24.52 15.33
C THR B 187 -18.62 25.52 16.00
N HIS B 188 -18.57 25.47 17.32
CA HIS B 188 -17.71 26.37 18.07
C HIS B 188 -16.23 26.03 17.87
N ARG B 189 -15.89 24.74 17.94
CA ARG B 189 -14.51 24.33 17.74
C ARG B 189 -14.00 24.62 16.32
N LEU B 190 -14.86 24.44 15.32
CA LEU B 190 -14.47 24.65 13.93
C LEU B 190 -14.46 26.09 13.45
N PHE B 191 -15.50 26.85 13.79
CA PHE B 191 -15.61 28.22 13.30
C PHE B 191 -15.14 29.34 14.20
N ARG B 192 -14.52 28.99 15.33
CA ARG B 192 -13.97 29.98 16.25
C ARG B 192 -12.55 30.18 15.75
N ARG B 193 -11.86 31.19 16.29
CA ARG B 193 -10.49 31.47 15.86
C ARG B 193 -9.60 30.24 16.09
N ASN B 194 -8.90 29.84 15.03
CA ASN B 194 -8.03 28.68 15.09
C ASN B 194 -6.62 29.00 14.59
N PHE B 195 -5.66 28.19 15.02
CA PHE B 195 -4.28 28.38 14.62
C PHE B 195 -3.95 27.67 13.31
N GLY B 196 -3.28 28.39 12.42
CA GLY B 196 -2.89 27.82 11.15
C GLY B 196 -3.85 28.01 10.01
N TYR B 197 -5.15 28.09 10.28
CA TYR B 197 -6.12 28.24 9.21
C TYR B 197 -7.37 29.03 9.57
N THR B 198 -8.08 29.46 8.53
CA THR B 198 -9.32 30.20 8.69
C THR B 198 -10.47 29.31 8.22
N LEU B 199 -11.43 29.06 9.10
CA LEU B 199 -12.59 28.24 8.75
C LEU B 199 -13.81 29.07 9.13
N ARG B 200 -14.59 29.49 8.14
CA ARG B 200 -15.78 30.27 8.43
C ARG B 200 -17.01 29.59 7.88
N SER B 201 -18.13 29.81 8.55
CA SER B 201 -19.39 29.18 8.16
C SER B 201 -20.51 30.16 7.85
N VAL B 202 -21.28 29.84 6.83
CA VAL B 202 -22.44 30.64 6.44
C VAL B 202 -23.59 29.63 6.44
N ASN B 203 -24.36 29.67 7.51
CA ASN B 203 -25.47 28.76 7.69
C ASN B 203 -26.70 29.60 8.03
N ASP B 204 -27.31 30.19 7.01
CA ASP B 204 -28.47 31.05 7.22
C ASP B 204 -29.78 30.60 6.60
N LEU B 205 -30.86 31.07 7.20
CA LEU B 205 -32.20 30.79 6.73
C LEU B 205 -32.87 32.14 6.50
N TYR B 206 -33.29 32.38 5.26
CA TYR B 206 -33.94 33.63 4.89
C TYR B 206 -35.43 33.39 4.70
N ILE B 207 -36.24 34.19 5.39
CA ILE B 207 -37.71 34.06 5.32
C ILE B 207 -38.36 35.39 4.93
N GLN B 208 -39.25 35.38 3.95
CA GLN B 208 -39.94 36.61 3.56
C GLN B 208 -40.48 37.31 4.81
N LYS B 209 -40.29 38.61 4.90
CA LYS B 209 -40.73 39.36 6.08
C LYS B 209 -42.22 39.22 6.43
N GLN B 210 -43.04 38.84 5.44
CA GLN B 210 -44.47 38.66 5.68
C GLN B 210 -44.68 37.59 6.74
N PHE B 211 -44.07 36.43 6.54
CA PHE B 211 -44.18 35.32 7.47
C PHE B 211 -43.22 35.55 8.63
N PRO B 212 -43.75 35.69 9.86
CA PRO B 212 -42.93 35.90 11.05
C PRO B 212 -42.19 34.62 11.49
N ILE B 213 -41.07 34.80 12.18
CA ILE B 213 -40.28 33.68 12.66
C ILE B 213 -40.40 33.58 14.16
N LEU B 214 -40.82 32.42 14.65
CA LEU B 214 -40.96 32.23 16.09
C LEU B 214 -39.62 32.53 16.77
N LEU B 215 -39.65 33.42 17.76
CA LEU B 215 -38.47 33.82 18.50
C LEU B 215 -37.77 32.63 19.14
N ASP B 216 -38.55 31.64 19.59
CA ASP B 216 -38.01 30.44 20.21
C ASP B 216 -37.02 29.73 19.27
N PHE B 217 -37.49 29.39 18.08
CA PHE B 217 -36.68 28.73 17.06
C PHE B 217 -35.50 29.60 16.66
N LYS B 218 -35.70 30.91 16.66
CA LYS B 218 -34.63 31.81 16.26
C LYS B 218 -33.44 31.74 17.22
N THR B 219 -33.72 31.62 18.52
CA THR B 219 -32.63 31.56 19.51
C THR B 219 -31.93 30.21 19.53
N LYS B 220 -32.71 29.13 19.56
CA LYS B 220 -32.11 27.79 19.57
C LYS B 220 -31.20 27.65 18.34
N VAL B 221 -31.67 28.13 17.20
CA VAL B 221 -30.88 28.09 15.98
C VAL B 221 -29.53 28.74 16.21
N ARG B 222 -29.55 29.88 16.90
CA ARG B 222 -28.35 30.65 17.21
C ARG B 222 -27.50 29.98 18.28
N GLU B 223 -28.15 29.58 19.37
CA GLU B 223 -27.48 28.94 20.49
C GLU B 223 -26.83 27.59 20.19
N TYR B 224 -27.28 26.90 19.15
CA TYR B 224 -26.70 25.60 18.84
C TYR B 224 -25.91 25.50 17.54
N TYR B 225 -26.24 26.35 16.58
CA TYR B 225 -25.57 26.30 15.29
C TYR B 225 -24.92 27.58 14.84
N PHE B 226 -25.00 28.64 15.65
CA PHE B 226 -24.42 29.91 15.26
C PHE B 226 -25.02 30.24 13.90
N ALA B 227 -26.30 29.89 13.76
CA ALA B 227 -27.05 30.13 12.54
C ALA B 227 -27.91 31.37 12.74
N GLU B 228 -28.26 32.01 11.63
CA GLU B 228 -29.05 33.22 11.70
C GLU B 228 -30.36 33.09 10.92
N ALA B 229 -31.48 32.96 11.62
CA ALA B 229 -32.78 32.87 10.95
C ALA B 229 -33.13 34.32 10.69
N GLN B 230 -32.83 34.79 9.48
CA GLN B 230 -33.05 36.18 9.12
C GLN B 230 -34.30 36.51 8.35
N ILE B 231 -34.74 37.76 8.50
CA ILE B 231 -35.91 38.25 7.80
C ILE B 231 -35.38 38.64 6.43
N ALA B 232 -36.18 38.42 5.39
CA ALA B 232 -35.74 38.74 4.04
C ALA B 232 -36.80 39.43 3.21
N ASP B 233 -36.41 39.83 2.00
CA ASP B 233 -37.28 40.49 1.03
C ASP B 233 -36.61 40.23 -0.32
N PHE B 234 -36.92 39.10 -0.93
CA PHE B 234 -36.31 38.75 -2.20
C PHE B 234 -36.74 39.60 -3.37
N SER B 235 -37.52 40.63 -3.09
CA SER B 235 -37.99 41.53 -4.14
C SER B 235 -37.24 42.86 -4.04
N ASP B 236 -36.67 43.12 -2.87
CA ASP B 236 -35.92 44.36 -2.65
C ASP B 236 -34.43 44.16 -2.93
N PRO B 237 -33.93 44.77 -4.01
CA PRO B 237 -32.51 44.65 -4.37
C PRO B 237 -31.57 45.11 -3.27
N ALA B 238 -32.04 45.97 -2.38
CA ALA B 238 -31.21 46.44 -1.29
C ALA B 238 -30.87 45.24 -0.41
N PHE B 239 -31.85 44.33 -0.26
CA PHE B 239 -31.64 43.14 0.54
C PHE B 239 -30.66 42.19 -0.13
N ILE B 240 -30.88 41.92 -1.42
CA ILE B 240 -30.00 41.05 -2.15
C ILE B 240 -28.58 41.57 -2.00
N SER B 241 -28.40 42.83 -2.37
CA SER B 241 -27.11 43.51 -2.31
C SER B 241 -26.44 43.43 -0.93
N LYS B 242 -27.18 43.81 0.10
CA LYS B 242 -26.66 43.77 1.46
C LYS B 242 -26.18 42.36 1.81
N THR B 243 -26.95 41.36 1.39
CA THR B 243 -26.60 39.96 1.67
C THR B 243 -25.36 39.55 0.88
N ASN B 244 -25.31 39.93 -0.40
CA ASN B 244 -24.16 39.59 -1.22
C ASN B 244 -22.88 40.20 -0.67
N ASN B 245 -22.92 41.50 -0.35
CA ASN B 245 -21.74 42.16 0.20
C ASN B 245 -21.35 41.56 1.54
N HIS B 246 -22.33 41.10 2.31
CA HIS B 246 -22.03 40.52 3.60
C HIS B 246 -21.32 39.17 3.44
N ILE B 247 -21.78 38.35 2.49
CA ILE B 247 -21.14 37.05 2.25
C ILE B 247 -19.78 37.29 1.60
N MET B 248 -19.70 38.29 0.73
CA MET B 248 -18.44 38.58 0.06
C MET B 248 -17.38 38.98 1.09
N LYS B 249 -17.78 39.72 2.11
CA LYS B 249 -16.84 40.14 3.14
C LYS B 249 -16.46 38.92 3.95
N LEU B 250 -17.47 38.16 4.34
CA LEU B 250 -17.26 36.96 5.15
C LEU B 250 -16.33 35.97 4.47
N THR B 251 -16.50 35.76 3.16
CA THR B 251 -15.66 34.82 2.44
C THR B 251 -14.42 35.50 1.86
N LYS B 252 -14.07 36.66 2.39
CA LYS B 252 -12.90 37.42 1.95
C LYS B 252 -12.89 37.65 0.45
N GLY B 253 -14.01 38.07 -0.10
CA GLY B 253 -14.08 38.34 -1.52
C GLY B 253 -14.27 37.13 -2.40
N LEU B 254 -14.31 35.94 -1.81
CA LEU B 254 -14.48 34.72 -2.58
C LEU B 254 -15.86 34.53 -3.22
N ILE B 255 -16.92 34.58 -2.41
CA ILE B 255 -18.27 34.43 -2.94
C ILE B 255 -18.90 35.81 -3.08
N LYS B 256 -19.15 36.22 -4.33
CA LYS B 256 -19.72 37.53 -4.61
C LYS B 256 -21.19 37.55 -5.01
N ASP B 257 -21.73 36.41 -5.41
CA ASP B 257 -23.11 36.35 -5.85
C ASP B 257 -24.01 35.40 -5.08
N ALA B 258 -23.89 35.40 -3.76
CA ALA B 258 -24.70 34.52 -2.93
C ALA B 258 -26.18 34.49 -3.31
N LEU B 259 -26.85 35.65 -3.26
CA LEU B 259 -28.27 35.69 -3.58
C LEU B 259 -28.65 36.22 -4.95
N GLU B 260 -27.74 36.11 -5.91
CA GLU B 260 -28.04 36.57 -7.27
C GLU B 260 -28.93 35.57 -7.98
N ASN B 261 -29.72 36.05 -8.94
CA ASN B 261 -30.63 35.22 -9.72
C ASN B 261 -31.56 34.38 -8.86
N ILE B 262 -32.25 35.01 -7.93
CA ILE B 262 -33.18 34.32 -7.06
C ILE B 262 -34.61 34.82 -7.25
N ASP B 263 -35.54 33.89 -7.34
CA ASP B 263 -36.96 34.21 -7.54
C ASP B 263 -37.45 35.14 -6.44
N PRO B 264 -37.95 36.32 -6.82
CA PRO B 264 -38.45 37.27 -5.82
C PRO B 264 -39.64 36.72 -5.05
N ALA B 265 -40.35 35.78 -5.66
CA ALA B 265 -41.52 35.19 -5.02
C ALA B 265 -41.10 34.18 -3.96
N THR B 266 -39.79 34.07 -3.73
CA THR B 266 -39.24 33.14 -2.74
C THR B 266 -39.71 33.49 -1.34
N GLN B 267 -40.14 32.47 -0.58
CA GLN B 267 -40.62 32.69 0.78
C GLN B 267 -39.61 32.27 1.85
N MET B 268 -38.90 31.16 1.60
CA MET B 268 -37.92 30.67 2.57
C MET B 268 -36.80 29.87 1.90
N MET B 269 -35.56 30.19 2.27
CA MET B 269 -34.42 29.49 1.70
C MET B 269 -33.26 29.34 2.67
N ILE B 270 -32.38 28.42 2.33
CA ILE B 270 -31.19 28.14 3.13
C ILE B 270 -29.96 28.46 2.29
N LEU B 271 -29.09 29.32 2.81
CA LEU B 271 -27.86 29.67 2.12
C LEU B 271 -26.77 28.96 2.89
N ASN B 272 -25.99 28.14 2.21
CA ASN B 272 -24.96 27.38 2.89
C ASN B 272 -23.59 27.41 2.21
N CYS B 273 -22.57 27.86 2.95
CA CYS B 273 -21.20 27.95 2.44
C CYS B 273 -20.20 27.70 3.56
N ILE B 274 -19.05 27.15 3.22
CA ILE B 274 -17.99 26.94 4.20
C ILE B 274 -16.77 27.55 3.56
N TYR B 275 -16.25 28.62 4.15
CA TYR B 275 -15.06 29.28 3.64
C TYR B 275 -13.84 28.69 4.32
N PHE B 276 -12.83 28.35 3.55
CA PHE B 276 -11.62 27.78 4.11
C PHE B 276 -10.36 28.34 3.48
N LYS B 277 -9.39 28.62 4.34
CA LYS B 277 -8.09 29.13 3.91
C LYS B 277 -7.04 28.41 4.75
N GLY B 278 -6.17 27.65 4.08
CA GLY B 278 -5.13 26.93 4.78
C GLY B 278 -3.85 26.88 3.96
N SER B 279 -2.74 26.54 4.61
CA SER B 279 -1.45 26.45 3.94
C SER B 279 -0.85 25.07 4.13
N TRP B 280 -0.23 24.55 3.07
CA TRP B 280 0.39 23.24 3.08
C TRP B 280 1.52 23.12 4.10
N VAL B 281 1.63 21.94 4.70
CA VAL B 281 2.73 21.69 5.62
C VAL B 281 3.91 21.53 4.67
N ASN B 282 3.67 20.82 3.56
CA ASN B 282 4.68 20.61 2.52
C ASN B 282 4.23 21.38 1.30
N LYS B 283 4.74 22.61 1.14
CA LYS B 283 4.37 23.44 0.00
C LYS B 283 5.06 22.98 -1.27
N PHE B 284 4.70 23.60 -2.40
CA PHE B 284 5.32 23.25 -3.67
C PHE B 284 6.16 24.42 -4.16
N PRO B 285 7.44 24.17 -4.51
CA PRO B 285 8.29 25.26 -5.00
C PRO B 285 7.68 25.78 -6.31
N VAL B 286 7.35 27.07 -6.33
CA VAL B 286 6.71 27.68 -7.49
C VAL B 286 7.41 27.53 -8.84
N GLU B 287 8.74 27.48 -8.86
CA GLU B 287 9.41 27.34 -10.15
C GLU B 287 9.26 25.95 -10.78
N MET B 288 8.89 24.96 -9.97
CA MET B 288 8.72 23.58 -10.47
C MET B 288 7.39 23.30 -11.16
N THR B 289 6.46 24.24 -11.08
CA THR B 289 5.15 24.08 -11.72
C THR B 289 5.33 24.12 -13.23
N HIS B 290 4.75 23.16 -13.94
CA HIS B 290 4.90 23.07 -15.39
C HIS B 290 3.70 22.39 -16.05
N ASN B 291 3.60 22.49 -17.37
CA ASN B 291 2.52 21.83 -18.09
C ASN B 291 2.82 20.34 -18.12
N HIS B 292 1.80 19.53 -17.84
CA HIS B 292 1.97 18.08 -17.77
C HIS B 292 0.72 17.42 -18.34
N ASN B 293 0.89 16.30 -19.02
CA ASN B 293 -0.26 15.57 -19.58
C ASN B 293 -1.10 14.97 -18.47
N PHE B 294 -2.41 15.19 -18.55
CA PHE B 294 -3.34 14.68 -17.56
C PHE B 294 -4.40 13.83 -18.29
N ARG B 295 -4.61 12.61 -17.81
CA ARG B 295 -5.58 11.71 -18.44
C ARG B 295 -7.01 12.11 -18.13
N LEU B 296 -7.78 12.42 -19.18
CA LEU B 296 -9.17 12.81 -19.01
C LEU B 296 -10.07 11.58 -19.10
N ASN B 297 -9.63 10.60 -19.87
CA ASN B 297 -10.36 9.37 -20.05
C ASN B 297 -9.55 8.41 -20.89
N GLU B 298 -10.09 7.22 -21.13
CA GLU B 298 -9.42 6.19 -21.90
C GLU B 298 -8.99 6.69 -23.28
N ARG B 299 -9.65 7.72 -23.76
CA ARG B 299 -9.35 8.26 -25.08
C ARG B 299 -8.52 9.54 -25.17
N GLU B 300 -8.75 10.53 -24.31
CA GLU B 300 -8.00 11.76 -24.40
C GLU B 300 -7.14 12.19 -23.20
N VAL B 301 -6.14 13.01 -23.50
CA VAL B 301 -5.21 13.53 -22.51
C VAL B 301 -5.03 15.03 -22.75
N VAL B 302 -4.99 15.83 -21.69
CA VAL B 302 -4.80 17.27 -21.83
C VAL B 302 -3.68 17.83 -20.95
N LYS B 303 -3.16 18.98 -21.33
CA LYS B 303 -2.07 19.61 -20.58
C LYS B 303 -2.62 20.46 -19.47
N VAL B 304 -2.02 20.34 -18.28
CA VAL B 304 -2.46 21.11 -17.13
C VAL B 304 -1.27 21.61 -16.33
N SER B 305 -1.52 22.62 -15.50
CA SER B 305 -0.48 23.17 -14.64
C SER B 305 -0.27 22.16 -13.53
N MET B 306 0.88 21.50 -13.56
CA MET B 306 1.21 20.48 -12.58
C MET B 306 2.26 21.01 -11.60
N MET B 307 1.99 20.89 -10.31
CA MET B 307 2.93 21.34 -9.28
C MET B 307 3.82 20.15 -8.96
N GLN B 308 5.03 20.44 -8.46
CA GLN B 308 5.97 19.38 -8.12
C GLN B 308 6.70 19.73 -6.83
N THR B 309 6.74 18.78 -5.90
CA THR B 309 7.39 19.03 -4.63
C THR B 309 7.97 17.76 -4.02
N LYS B 310 8.60 17.91 -2.86
CA LYS B 310 9.19 16.80 -2.12
C LYS B 310 8.81 17.01 -0.66
N GLY B 311 8.72 15.93 0.10
CA GLY B 311 8.36 16.06 1.49
C GLY B 311 7.85 14.75 2.06
N ASN B 312 7.44 14.78 3.32
CA ASN B 312 6.93 13.57 3.96
C ASN B 312 5.42 13.57 3.91
N PHE B 313 4.88 12.49 3.37
CA PHE B 313 3.44 12.37 3.23
C PHE B 313 3.02 10.95 3.59
N LEU B 314 1.80 10.83 4.09
CA LEU B 314 1.25 9.52 4.39
C LEU B 314 0.51 9.14 3.11
N ALA B 315 0.46 7.86 2.81
CA ALA B 315 -0.24 7.38 1.64
C ALA B 315 -0.57 5.90 1.82
N ALA B 316 -1.60 5.45 1.11
CA ALA B 316 -2.03 4.07 1.19
C ALA B 316 -2.40 3.54 -0.19
N ASN B 317 -2.60 2.23 -0.24
CA ASN B 317 -2.95 1.55 -1.47
C ASN B 317 -4.20 0.74 -1.20
N ASP B 318 -5.15 0.81 -2.12
CA ASP B 318 -6.39 0.06 -1.98
C ASP B 318 -6.45 -0.93 -3.15
N GLN B 319 -6.25 -2.20 -2.83
CA GLN B 319 -6.25 -3.25 -3.84
C GLN B 319 -7.65 -3.56 -4.39
N GLU B 320 -8.67 -3.59 -3.53
CA GLU B 320 -10.04 -3.85 -3.97
C GLU B 320 -10.57 -2.81 -4.96
N LEU B 321 -10.42 -1.54 -4.61
CA LEU B 321 -10.88 -0.47 -5.49
C LEU B 321 -9.80 -0.04 -6.47
N ASP B 322 -8.59 -0.56 -6.26
CA ASP B 322 -7.44 -0.22 -7.10
C ASP B 322 -7.29 1.29 -7.20
N CYS B 323 -7.01 1.90 -6.06
CA CYS B 323 -6.82 3.33 -5.94
C CYS B 323 -5.62 3.59 -5.07
N ASP B 324 -5.04 4.78 -5.22
CA ASP B 324 -3.92 5.21 -4.42
C ASP B 324 -4.50 6.35 -3.60
N ILE B 325 -4.06 6.48 -2.35
CA ILE B 325 -4.56 7.56 -1.51
C ILE B 325 -3.39 8.28 -0.89
N LEU B 326 -3.27 9.56 -1.23
CA LEU B 326 -2.20 10.41 -0.74
C LEU B 326 -2.75 11.45 0.21
N GLN B 327 -2.13 11.59 1.38
CA GLN B 327 -2.60 12.58 2.34
C GLN B 327 -1.73 13.84 2.33
N LEU B 328 -2.36 14.98 2.06
CA LEU B 328 -1.69 16.30 2.01
C LEU B 328 -2.11 17.10 3.24
N GLU B 329 -1.17 17.30 4.16
CA GLU B 329 -1.39 18.01 5.42
C GLU B 329 -1.42 19.55 5.32
N TYR B 330 -2.40 20.17 5.96
CA TYR B 330 -2.47 21.64 6.02
C TYR B 330 -1.97 21.97 7.43
N VAL B 331 -1.49 23.19 7.63
CA VAL B 331 -1.04 23.57 8.96
C VAL B 331 -2.26 23.67 9.85
N GLY B 332 -2.21 23.06 11.02
CA GLY B 332 -3.35 23.14 11.93
C GLY B 332 -4.20 21.90 12.16
N GLY B 333 -3.79 20.75 11.61
CA GLY B 333 -4.57 19.54 11.81
C GLY B 333 -5.74 19.32 10.87
N ILE B 334 -5.56 19.70 9.61
CA ILE B 334 -6.57 19.51 8.58
C ILE B 334 -5.81 18.94 7.40
N SER B 335 -6.40 17.97 6.70
CA SER B 335 -5.71 17.40 5.56
C SER B 335 -6.63 17.07 4.40
N MET B 336 -6.03 17.06 3.21
CA MET B 336 -6.75 16.74 2.02
C MET B 336 -6.30 15.35 1.61
N LEU B 337 -7.27 14.49 1.38
CA LEU B 337 -6.98 13.12 0.95
C LEU B 337 -7.20 13.12 -0.57
N ILE B 338 -6.20 12.66 -1.30
CA ILE B 338 -6.29 12.58 -2.76
C ILE B 338 -6.49 11.10 -3.11
N VAL B 339 -7.64 10.77 -3.68
CA VAL B 339 -7.97 9.39 -4.06
C VAL B 339 -7.91 9.22 -5.59
N VAL B 340 -6.88 8.53 -6.08
CA VAL B 340 -6.69 8.34 -7.52
C VAL B 340 -6.92 6.90 -8.01
N PRO B 341 -8.10 6.62 -8.60
CA PRO B 341 -8.28 5.24 -9.06
C PRO B 341 -7.30 5.00 -10.22
N HIS B 342 -6.74 3.79 -10.28
CA HIS B 342 -5.77 3.46 -11.33
C HIS B 342 -6.37 3.46 -12.73
N LYS B 343 -7.58 2.93 -12.86
CA LYS B 343 -8.24 2.86 -14.16
C LYS B 343 -9.40 3.83 -14.31
N MET B 344 -9.69 4.21 -15.55
CA MET B 344 -10.78 5.12 -15.83
C MET B 344 -12.10 4.57 -15.27
N SER B 345 -12.31 3.28 -15.50
CA SER B 345 -13.50 2.59 -15.03
C SER B 345 -13.51 2.48 -13.52
N GLY B 346 -12.38 2.84 -12.91
CA GLY B 346 -12.26 2.77 -11.46
C GLY B 346 -13.03 3.88 -10.75
N MET B 347 -13.17 5.03 -11.40
CA MET B 347 -13.86 6.15 -10.79
C MET B 347 -15.28 5.76 -10.40
N LYS B 348 -16.00 5.17 -11.36
CA LYS B 348 -17.38 4.75 -11.13
C LYS B 348 -17.52 3.85 -9.91
N THR B 349 -16.65 2.84 -9.82
CA THR B 349 -16.67 1.91 -8.70
C THR B 349 -16.36 2.60 -7.37
N LEU B 350 -15.33 3.41 -7.36
CA LEU B 350 -14.94 4.14 -6.15
C LEU B 350 -16.09 5.04 -5.69
N GLU B 351 -16.70 5.77 -6.62
CA GLU B 351 -17.81 6.66 -6.25
C GLU B 351 -18.99 5.87 -5.69
N ALA B 352 -19.19 4.67 -6.23
CA ALA B 352 -20.29 3.82 -5.79
C ALA B 352 -20.01 3.15 -4.44
N GLN B 353 -18.74 2.83 -4.20
CA GLN B 353 -18.30 2.14 -2.99
C GLN B 353 -17.87 3.00 -1.80
N LEU B 354 -17.55 4.27 -2.04
CA LEU B 354 -17.08 5.12 -0.96
C LEU B 354 -18.00 5.20 0.26
N THR B 355 -17.46 4.84 1.43
CA THR B 355 -18.19 4.88 2.69
C THR B 355 -17.20 5.19 3.83
N PRO B 356 -17.72 5.50 5.03
CA PRO B 356 -16.82 5.79 6.16
C PRO B 356 -15.88 4.63 6.48
N ARG B 357 -16.36 3.40 6.29
CA ARG B 357 -15.55 2.21 6.54
C ARG B 357 -14.35 2.19 5.59
N VAL B 358 -14.60 2.46 4.30
CA VAL B 358 -13.54 2.49 3.31
C VAL B 358 -12.48 3.49 3.70
N VAL B 359 -12.90 4.72 4.03
CA VAL B 359 -11.94 5.75 4.42
C VAL B 359 -11.15 5.26 5.63
N GLU B 360 -11.85 4.67 6.59
CA GLU B 360 -11.21 4.16 7.79
C GLU B 360 -10.09 3.18 7.41
N ARG B 361 -10.39 2.29 6.46
CA ARG B 361 -9.43 1.30 6.00
C ARG B 361 -8.18 1.98 5.45
N TRP B 362 -8.40 2.99 4.61
CA TRP B 362 -7.29 3.73 4.02
C TRP B 362 -6.39 4.31 5.13
N GLN B 363 -7.03 4.92 6.12
CA GLN B 363 -6.32 5.54 7.24
C GLN B 363 -5.44 4.56 7.98
N LYS B 364 -5.99 3.38 8.32
CA LYS B 364 -5.25 2.37 9.05
C LYS B 364 -4.10 1.76 8.26
N SER B 365 -4.22 1.77 6.94
CA SER B 365 -3.18 1.18 6.08
C SER B 365 -2.14 2.18 5.58
N MET B 366 -2.22 3.41 6.06
CA MET B 366 -1.30 4.46 5.62
C MET B 366 0.11 4.40 6.19
N THR B 367 1.09 4.73 5.36
CA THR B 367 2.48 4.74 5.78
C THR B 367 3.12 6.08 5.44
N ASN B 368 4.17 6.43 6.18
CA ASN B 368 4.88 7.68 6.00
C ASN B 368 6.14 7.47 5.16
N ARG B 369 6.29 8.27 4.12
CA ARG B 369 7.43 8.18 3.23
C ARG B 369 7.84 9.58 2.81
N THR B 370 9.06 9.70 2.31
CA THR B 370 9.54 10.97 1.81
C THR B 370 9.28 10.84 0.31
N ARG B 371 8.28 11.55 -0.18
CA ARG B 371 7.90 11.44 -1.58
C ARG B 371 8.01 12.69 -2.42
N GLU B 372 8.20 12.46 -3.72
CA GLU B 372 8.22 13.51 -4.72
C GLU B 372 6.74 13.46 -5.13
N VAL B 373 6.04 14.57 -5.01
CA VAL B 373 4.62 14.60 -5.33
C VAL B 373 4.23 15.58 -6.44
N LEU B 374 3.66 15.07 -7.51
CA LEU B 374 3.20 15.94 -8.58
C LEU B 374 1.69 16.05 -8.48
N LEU B 375 1.20 17.28 -8.36
CA LEU B 375 -0.24 17.51 -8.22
C LEU B 375 -0.69 18.67 -9.08
N PRO B 376 -1.76 18.47 -9.85
CA PRO B 376 -2.24 19.59 -10.67
C PRO B 376 -2.94 20.64 -9.83
N LYS B 377 -2.77 21.91 -10.16
CA LYS B 377 -3.47 22.94 -9.42
C LYS B 377 -4.85 23.05 -10.05
N PHE B 378 -5.82 23.52 -9.28
CA PHE B 378 -7.16 23.65 -9.82
C PHE B 378 -7.98 24.63 -9.03
N LYS B 379 -9.15 24.93 -9.56
CA LYS B 379 -10.05 25.86 -8.91
C LYS B 379 -11.47 25.46 -9.23
N LEU B 380 -12.18 25.04 -8.21
CA LEU B 380 -13.57 24.64 -8.37
C LEU B 380 -14.48 25.76 -7.89
N GLU B 381 -15.48 26.08 -8.69
CA GLU B 381 -16.45 27.11 -8.34
C GLU B 381 -17.80 26.51 -8.62
N LYS B 382 -18.44 25.98 -7.58
CA LYS B 382 -19.72 25.32 -7.72
C LYS B 382 -20.84 25.97 -6.94
N ASN B 383 -22.05 25.85 -7.48
CA ASN B 383 -23.23 26.44 -6.88
C ASN B 383 -24.40 25.51 -7.19
N TYR B 384 -24.90 24.80 -6.18
CA TYR B 384 -26.01 23.88 -6.39
C TYR B 384 -27.24 24.17 -5.56
N ASN B 385 -28.39 23.70 -6.03
CA ASN B 385 -29.64 23.81 -5.29
C ASN B 385 -29.85 22.34 -4.93
N LEU B 386 -29.66 22.02 -3.65
CA LEU B 386 -29.76 20.64 -3.18
C LEU B 386 -31.16 20.11 -2.97
N VAL B 387 -32.18 20.93 -3.20
CA VAL B 387 -33.54 20.46 -3.01
C VAL B 387 -33.81 19.15 -3.73
N GLU B 388 -33.56 19.14 -5.04
CA GLU B 388 -33.77 17.94 -5.86
C GLU B 388 -33.06 16.72 -5.30
N SER B 389 -31.79 16.90 -4.96
CA SER B 389 -31.00 15.82 -4.40
C SER B 389 -31.66 15.31 -3.14
N LEU B 390 -31.96 16.21 -2.22
CA LEU B 390 -32.59 15.83 -0.96
C LEU B 390 -33.91 15.13 -1.18
N LYS B 391 -34.61 15.50 -2.25
CA LYS B 391 -35.89 14.87 -2.59
C LYS B 391 -35.64 13.44 -3.06
N LEU B 392 -34.66 13.28 -3.93
CA LEU B 392 -34.28 11.98 -4.47
C LEU B 392 -33.87 11.04 -3.34
N MET B 393 -33.24 11.61 -2.32
CA MET B 393 -32.79 10.81 -1.19
C MET B 393 -33.94 10.41 -0.27
N GLY B 394 -35.05 11.14 -0.33
CA GLY B 394 -36.19 10.79 0.50
C GLY B 394 -36.80 11.86 1.38
N ILE B 395 -36.27 13.09 1.31
CA ILE B 395 -36.81 14.19 2.10
C ILE B 395 -37.77 14.98 1.23
N ARG B 396 -39.07 14.83 1.47
CA ARG B 396 -40.04 15.53 0.64
C ARG B 396 -40.96 16.52 1.36
N MET B 397 -41.42 16.17 2.57
CA MET B 397 -42.29 17.03 3.33
C MET B 397 -41.69 18.40 3.60
N LEU B 398 -40.42 18.41 3.98
CA LEU B 398 -39.72 19.65 4.27
C LEU B 398 -39.85 20.63 3.10
N PHE B 399 -40.04 20.10 1.90
CA PHE B 399 -40.15 20.92 0.70
C PHE B 399 -41.57 21.09 0.16
N ASP B 400 -42.56 20.96 1.04
CA ASP B 400 -43.96 21.10 0.64
C ASP B 400 -44.74 21.88 1.70
N LYS B 401 -45.63 22.76 1.26
CA LYS B 401 -46.44 23.57 2.18
C LYS B 401 -47.28 22.70 3.13
N ASN B 402 -47.60 21.49 2.69
CA ASN B 402 -48.37 20.56 3.52
C ASN B 402 -47.44 19.86 4.51
N GLY B 403 -46.25 20.43 4.69
CA GLY B 403 -45.29 19.86 5.61
C GLY B 403 -45.45 20.50 6.99
N ASN B 404 -44.74 19.99 7.97
CA ASN B 404 -44.85 20.51 9.32
C ASN B 404 -43.66 21.35 9.75
N MET B 405 -43.72 22.66 9.49
CA MET B 405 -42.67 23.58 9.87
C MET B 405 -43.18 24.41 11.06
N ALA B 406 -44.09 23.83 11.82
CA ALA B 406 -44.71 24.47 12.97
C ALA B 406 -43.77 25.22 13.90
N GLY B 407 -42.60 24.65 14.16
CA GLY B 407 -41.65 25.29 15.05
C GLY B 407 -40.90 26.47 14.45
N ILE B 408 -40.94 26.60 13.13
CA ILE B 408 -40.26 27.71 12.48
C ILE B 408 -41.19 28.90 12.38
N SER B 409 -42.40 28.65 11.89
CA SER B 409 -43.38 29.72 11.72
C SER B 409 -44.80 29.23 11.96
N ASP B 410 -45.71 30.18 12.16
CA ASP B 410 -47.12 29.88 12.37
C ASP B 410 -47.84 29.71 11.04
N GLN B 411 -47.34 30.40 10.01
CA GLN B 411 -47.96 30.34 8.70
C GLN B 411 -47.37 29.24 7.81
N ARG B 412 -48.13 28.86 6.78
CA ARG B 412 -47.71 27.84 5.84
C ARG B 412 -46.57 28.31 4.93
N ILE B 413 -45.44 27.62 5.04
CA ILE B 413 -44.26 27.93 4.24
C ILE B 413 -43.39 26.67 4.16
N ALA B 414 -42.73 26.51 3.02
CA ALA B 414 -41.84 25.37 2.81
C ALA B 414 -40.55 25.92 2.24
N ILE B 415 -39.46 25.17 2.38
CA ILE B 415 -38.19 25.63 1.84
C ILE B 415 -38.30 25.65 0.32
N ASP B 416 -38.10 26.83 -0.26
CA ASP B 416 -38.18 27.01 -1.70
C ASP B 416 -36.89 26.62 -2.41
N LEU B 417 -35.76 26.82 -1.74
CA LEU B 417 -34.48 26.52 -2.34
C LEU B 417 -33.37 26.39 -1.31
N PHE B 418 -32.56 25.35 -1.45
CA PHE B 418 -31.45 25.06 -0.54
C PHE B 418 -30.17 25.31 -1.32
N LYS B 419 -29.65 26.52 -1.22
CA LYS B 419 -28.46 26.90 -1.95
C LYS B 419 -27.12 26.61 -1.25
N HIS B 420 -26.34 25.73 -1.86
CA HIS B 420 -25.03 25.37 -1.36
C HIS B 420 -24.03 25.82 -2.41
N GLN B 421 -23.24 26.84 -2.05
CA GLN B 421 -22.25 27.41 -2.95
C GLN B 421 -20.87 27.40 -2.32
N GLY B 422 -19.85 27.20 -3.13
CA GLY B 422 -18.50 27.17 -2.59
C GLY B 422 -17.43 27.19 -3.64
N THR B 423 -16.24 27.54 -3.20
CA THR B 423 -15.08 27.64 -4.07
C THR B 423 -13.85 27.12 -3.35
N ILE B 424 -13.01 26.41 -4.10
CA ILE B 424 -11.77 25.89 -3.55
C ILE B 424 -10.70 26.07 -4.61
N THR B 425 -9.58 26.64 -4.17
CA THR B 425 -8.44 26.86 -5.04
C THR B 425 -7.31 26.12 -4.38
N VAL B 426 -6.57 25.36 -5.19
CA VAL B 426 -5.43 24.61 -4.71
C VAL B 426 -4.19 25.09 -5.46
N ASN B 427 -3.23 25.67 -4.75
CA ASN B 427 -2.01 26.13 -5.41
C ASN B 427 -0.76 25.68 -4.67
N GLU B 428 0.37 26.31 -4.95
CA GLU B 428 1.63 25.92 -4.32
C GLU B 428 1.73 26.26 -2.85
N GLU B 429 0.95 27.25 -2.42
CA GLU B 429 0.96 27.69 -1.03
C GLU B 429 -0.02 26.94 -0.14
N GLY B 430 -1.16 26.55 -0.72
CA GLY B 430 -2.18 25.82 0.03
C GLY B 430 -3.56 25.98 -0.62
N THR B 431 -4.54 26.41 0.16
CA THR B 431 -5.91 26.60 -0.34
C THR B 431 -6.41 28.01 0.00
N GLN B 432 -6.82 28.75 -1.01
CA GLN B 432 -7.32 30.10 -0.82
C GLN B 432 -6.18 30.97 -0.27
N ALA B 433 -4.95 30.60 -0.62
CA ALA B 433 -3.77 31.31 -0.15
C ALA B 433 -3.57 32.63 -0.88
N THR B 434 -2.89 33.55 -0.22
CA THR B 434 -2.61 34.85 -0.80
C THR B 434 -1.12 35.15 -0.64
N THR B 435 -0.40 34.24 -0.01
CA THR B 435 1.03 34.43 0.19
C THR B 435 1.83 33.46 -0.65
N VAL B 436 3.11 33.78 -0.87
CA VAL B 436 3.99 32.94 -1.64
C VAL B 436 5.27 32.67 -0.86
N THR B 437 5.66 31.40 -0.77
CA THR B 437 6.86 31.00 -0.04
C THR B 437 7.96 30.62 -1.03
N THR B 438 9.05 31.40 -1.00
CA THR B 438 10.18 31.17 -1.90
C THR B 438 11.42 30.58 -1.21
N VAL B 439 11.43 30.55 0.12
CA VAL B 439 12.58 30.00 0.83
C VAL B 439 12.72 28.51 0.51
N GLY B 440 13.93 27.98 0.59
CA GLY B 440 14.14 26.56 0.34
C GLY B 440 13.58 25.77 1.52
N PHE B 441 12.94 24.63 1.26
CA PHE B 441 12.36 23.85 2.35
C PHE B 441 12.22 22.36 2.07
N MET B 442 12.44 21.96 0.82
CA MET B 442 12.31 20.55 0.44
C MET B 442 13.41 19.65 0.97
N PRO B 443 13.07 18.38 1.26
CA PRO B 443 14.13 17.50 1.75
C PRO B 443 15.04 17.27 0.53
N LEU B 444 16.25 16.79 0.75
CA LEU B 444 17.16 16.56 -0.36
C LEU B 444 16.82 15.35 -1.23
N SER B 445 16.39 14.25 -0.61
CA SER B 445 16.06 13.08 -1.40
C SER B 445 14.72 12.46 -1.02
N THR B 446 14.12 11.77 -1.98
CA THR B 446 12.85 11.10 -1.76
C THR B 446 12.98 9.66 -2.21
N GLN B 447 12.33 8.77 -1.47
CA GLN B 447 12.37 7.35 -1.77
C GLN B 447 11.37 6.94 -2.84
N VAL B 448 10.26 7.68 -2.93
CA VAL B 448 9.22 7.37 -3.90
C VAL B 448 8.61 8.61 -4.55
N ARG B 449 7.90 8.42 -5.65
CA ARG B 449 7.25 9.52 -6.35
C ARG B 449 5.83 9.12 -6.71
N PHE B 450 4.93 10.09 -6.68
CA PHE B 450 3.55 9.83 -7.05
C PHE B 450 3.02 11.00 -7.87
N THR B 451 2.68 10.70 -9.12
CA THR B 451 2.16 11.70 -10.03
C THR B 451 0.65 11.55 -10.14
N VAL B 452 -0.06 12.63 -9.89
CA VAL B 452 -1.52 12.62 -9.99
C VAL B 452 -1.82 13.09 -11.41
N ASP B 453 -1.83 12.13 -12.33
CA ASP B 453 -2.04 12.43 -13.74
C ASP B 453 -3.37 11.95 -14.31
N ARG B 454 -4.31 11.61 -13.44
CA ARG B 454 -5.61 11.13 -13.91
C ARG B 454 -6.72 11.54 -12.93
N PRO B 455 -7.99 11.41 -13.36
CA PRO B 455 -9.12 11.77 -12.53
C PRO B 455 -8.98 11.33 -11.07
N PHE B 456 -9.39 12.21 -10.16
CA PHE B 456 -9.30 11.89 -8.74
C PHE B 456 -10.37 12.56 -7.90
N LEU B 457 -10.57 12.04 -6.70
CA LEU B 457 -11.52 12.61 -5.76
C LEU B 457 -10.70 13.19 -4.63
N PHE B 458 -11.27 14.12 -3.88
CA PHE B 458 -10.54 14.66 -2.74
C PHE B 458 -11.47 14.87 -1.57
N LEU B 459 -10.98 14.54 -0.38
CA LEU B 459 -11.76 14.69 0.85
C LEU B 459 -10.96 15.53 1.82
N ILE B 460 -11.60 16.49 2.47
CA ILE B 460 -10.86 17.29 3.43
C ILE B 460 -11.47 17.04 4.80
N TYR B 461 -10.63 16.59 5.73
CA TYR B 461 -11.02 16.26 7.10
C TYR B 461 -10.29 17.10 8.15
N GLU B 462 -10.96 17.31 9.27
CA GLU B 462 -10.38 18.02 10.41
C GLU B 462 -10.03 16.83 11.29
N HIS B 463 -8.75 16.64 11.55
CA HIS B 463 -8.30 15.48 12.33
C HIS B 463 -8.91 15.24 13.71
N ARG B 464 -8.90 16.24 14.56
CA ARG B 464 -9.44 16.07 15.91
C ARG B 464 -10.86 15.51 15.94
N THR B 465 -11.76 16.11 15.17
CA THR B 465 -13.15 15.71 15.13
C THR B 465 -13.52 14.71 14.03
N SER B 466 -12.57 14.40 13.15
CA SER B 466 -12.83 13.48 12.03
C SER B 466 -13.95 14.08 11.18
N CYS B 467 -14.05 15.40 11.19
CA CYS B 467 -15.07 16.09 10.44
C CYS B 467 -14.74 16.23 8.96
N LEU B 468 -15.64 15.75 8.11
CA LEU B 468 -15.47 15.85 6.68
C LEU B 468 -15.93 17.24 6.27
N LEU B 469 -14.97 18.14 6.10
CA LEU B 469 -15.26 19.52 5.71
C LEU B 469 -15.67 19.66 4.25
N PHE B 470 -14.91 19.02 3.36
CA PHE B 470 -15.18 19.11 1.93
C PHE B 470 -14.91 17.79 1.22
N MET B 471 -15.46 17.68 0.02
CA MET B 471 -15.24 16.53 -0.82
C MET B 471 -15.53 16.97 -2.24
N GLY B 472 -14.77 16.46 -3.19
CA GLY B 472 -14.99 16.85 -4.56
C GLY B 472 -14.40 15.90 -5.58
N ARG B 473 -14.69 16.16 -6.84
CA ARG B 473 -14.17 15.34 -7.92
C ARG B 473 -13.49 16.26 -8.90
N VAL B 474 -12.27 15.89 -9.29
CA VAL B 474 -11.54 16.67 -10.28
C VAL B 474 -11.42 15.79 -11.50
N ALA B 475 -12.36 15.92 -12.42
CA ALA B 475 -12.34 15.13 -13.65
C ALA B 475 -11.44 15.84 -14.65
N ASN B 476 -11.33 17.16 -14.50
CA ASN B 476 -10.52 17.98 -15.40
C ASN B 476 -9.99 19.20 -14.66
N PRO B 477 -8.72 19.15 -14.22
CA PRO B 477 -8.17 20.31 -13.50
C PRO B 477 -8.20 21.64 -14.24
N SER B 478 -8.46 21.61 -15.54
CA SER B 478 -8.49 22.86 -16.31
C SER B 478 -9.89 23.42 -16.43
N ARG B 479 -10.84 22.80 -15.74
CA ARG B 479 -12.23 23.25 -15.72
C ARG B 479 -12.56 23.69 -14.31
N SER B 480 -13.57 24.53 -14.14
CA SER B 480 -13.91 24.99 -12.79
C SER B 480 -14.90 24.05 -12.12
C1 NAG C . 0.30 -4.97 -15.67
C2 NAG C . 0.51 -6.38 -16.20
C3 NAG C . 1.12 -6.29 -17.60
C4 NAG C . 0.25 -5.39 -18.51
C5 NAG C . -0.08 -4.06 -17.83
C6 NAG C . -1.11 -3.24 -18.59
C7 NAG C . 0.92 -8.03 -14.47
C8 NAG C . -0.59 -8.13 -14.28
N2 NAG C . 1.40 -7.11 -15.31
O3 NAG C . 1.21 -7.60 -18.17
O4 NAG C . 0.95 -5.14 -19.74
O5 NAG C . -0.63 -4.28 -16.51
O6 NAG C . -0.80 -1.85 -18.54
O7 NAG C . 1.66 -8.78 -13.84
C1 NAG C . 0.29 -5.53 -20.90
C2 NAG C . 1.01 -5.04 -22.14
C3 NAG C . 0.17 -5.42 -23.36
C4 NAG C . -0.23 -6.90 -23.37
C5 NAG C . -0.60 -7.47 -21.97
C6 NAG C . -0.45 -8.97 -21.93
C7 NAG C . 0.22 -2.73 -22.04
C8 NAG C . -0.59 -2.50 -23.31
N2 NAG C . 1.23 -3.60 -22.10
O3 NAG C . 0.90 -5.13 -24.55
O4 NAG C . -1.39 -7.04 -24.23
O5 NAG C . 0.26 -6.96 -20.93
O6 NAG C . 0.91 -9.35 -22.16
O7 NAG C . -0.06 -2.10 -21.02
C1 BMA C . -1.46 -8.15 -25.06
C2 BMA C . -2.85 -8.19 -25.71
C3 BMA C . -2.93 -9.29 -26.78
C4 BMA C . -1.75 -9.17 -27.75
C5 BMA C . -0.42 -9.13 -26.99
C6 BMA C . 0.79 -8.95 -27.89
O2 BMA C . -3.12 -6.93 -26.32
O3 BMA C . -4.14 -9.18 -27.48
O4 BMA C . -1.75 -10.28 -28.64
O5 BMA C . -0.44 -8.02 -26.06
O6 BMA C . 1.66 -7.95 -27.39
CA CA D . 19.65 8.93 -9.04
C1 NAG E . 6.97 11.34 8.63
C2 NAG E . 5.95 11.84 9.66
C3 NAG E . 6.26 13.31 9.98
C4 NAG E . 7.73 13.46 10.43
C5 NAG E . 8.67 12.83 9.41
C6 NAG E . 10.11 12.82 9.88
C7 NAG E . 3.55 12.05 9.85
C8 NAG E . 3.16 11.13 11.00
N2 NAG E . 4.60 11.72 9.12
O3 NAG E . 5.40 13.78 11.01
O4 NAG E . 8.04 14.83 10.60
O5 NAG E . 8.30 11.45 9.16
O6 NAG E . 10.90 11.91 9.13
O7 NAG E . 2.87 13.06 9.61
#